data_1FHZ
# 
_entry.id   1FHZ 
# 
_audit_conform.dict_name       mmcif_pdbx.dic 
_audit_conform.dict_version    5.386 
_audit_conform.dict_location   http://mmcif.pdb.org/dictionaries/ascii/mmcif_pdbx.dic 
# 
loop_
_database_2.database_id 
_database_2.database_code 
_database_2.pdbx_database_accession 
_database_2.pdbx_DOI 
PDB   1FHZ         pdb_00001fhz 10.2210/pdb1fhz/pdb 
NDB   DD0031       ?            ?                   
RCSB  RCSB011605   ?            ?                   
WWPDB D_1000011605 ?            ?                   
# 
loop_
_pdbx_audit_revision_history.ordinal 
_pdbx_audit_revision_history.data_content_type 
_pdbx_audit_revision_history.major_revision 
_pdbx_audit_revision_history.minor_revision 
_pdbx_audit_revision_history.revision_date 
1 'Structure model' 1 0 2001-04-21 
2 'Structure model' 1 1 2008-04-27 
3 'Structure model' 1 2 2011-07-13 
4 'Structure model' 1 3 2024-02-07 
# 
_pdbx_audit_revision_details.ordinal             1 
_pdbx_audit_revision_details.revision_ordinal    1 
_pdbx_audit_revision_details.data_content_type   'Structure model' 
_pdbx_audit_revision_details.provider            repository 
_pdbx_audit_revision_details.type                'Initial release' 
_pdbx_audit_revision_details.description         ? 
_pdbx_audit_revision_details.details             ? 
# 
loop_
_pdbx_audit_revision_group.ordinal 
_pdbx_audit_revision_group.revision_ordinal 
_pdbx_audit_revision_group.data_content_type 
_pdbx_audit_revision_group.group 
1 2 'Structure model' 'Version format compliance' 
2 3 'Structure model' 'Version format compliance' 
3 4 'Structure model' 'Data collection'           
4 4 'Structure model' 'Database references'       
5 4 'Structure model' 'Derived calculations'      
# 
loop_
_pdbx_audit_revision_category.ordinal 
_pdbx_audit_revision_category.revision_ordinal 
_pdbx_audit_revision_category.data_content_type 
_pdbx_audit_revision_category.category 
1 4 'Structure model' chem_comp_atom 
2 4 'Structure model' chem_comp_bond 
3 4 'Structure model' database_2     
4 4 'Structure model' struct_conn    
5 4 'Structure model' struct_site    
# 
loop_
_pdbx_audit_revision_item.ordinal 
_pdbx_audit_revision_item.revision_ordinal 
_pdbx_audit_revision_item.data_content_type 
_pdbx_audit_revision_item.item 
1 4 'Structure model' '_database_2.pdbx_DOI'                
2 4 'Structure model' '_database_2.pdbx_database_accession' 
3 4 'Structure model' '_struct_conn.pdbx_leaving_atom_flag' 
4 4 'Structure model' '_struct_site.pdbx_auth_asym_id'      
5 4 'Structure model' '_struct_site.pdbx_auth_comp_id'      
6 4 'Structure model' '_struct_site.pdbx_auth_seq_id'       
# 
_pdbx_database_status.status_code                     REL 
_pdbx_database_status.entry_id                        1FHZ 
_pdbx_database_status.recvd_initial_deposition_date   2000-08-02 
_pdbx_database_status.deposit_site                    NDB 
_pdbx_database_status.process_site                    NDB 
_pdbx_database_status.status_code_sf                  REL 
_pdbx_database_status.SG_entry                        . 
_pdbx_database_status.pdb_format_compatible           Y 
_pdbx_database_status.status_code_mr                  ? 
_pdbx_database_status.status_code_cs                  ? 
_pdbx_database_status.status_code_nmr_data            ? 
_pdbx_database_status.methods_development_category    ? 
# 
_pdbx_database_related.db_name        NDB 
_pdbx_database_related.db_id          ud0008 
_pdbx_database_related.details        'native d(CCGGTACCGG)' 
_pdbx_database_related.content_type   unspecified 
# 
loop_
_audit_author.name 
_audit_author.pdbx_ordinal 
'Eichman, B.F.'  1 
'Mooers, B.H.M.' 2 
'Alberti, M.'    3 
'Hearst, J.E.'   4 
'Ho, P.S.'       5 
# 
loop_
_citation.id 
_citation.title 
_citation.journal_abbrev 
_citation.journal_volume 
_citation.page_first 
_citation.page_last 
_citation.year 
_citation.journal_id_ASTM 
_citation.country 
_citation.journal_id_ISSN 
_citation.journal_id_CSD 
_citation.book_publisher 
_citation.pdbx_database_id_PubMed 
_citation.pdbx_database_id_DOI 
primary 'The crystal structures of psoralen cross-linked DNAs: drug-dependent formation of Holliday junctions.'             
J.Mol.Biol.            308 15   26   2001 JMOBAK UK 0022-2836 0070 ? 11302703 10.1006/jmbi.2001.4567 
1       'The Holliday junction in an inverted repeat DNA sequence: Sequence effects on the structure of four-way junctions' 
Proc.Natl.Acad.Sci.USA 97  3971 3976 2000 PNASA6 US 0027-8424 0040 ? ?        10.1073/pnas.97.8.3971 
# 
loop_
_citation_author.citation_id 
_citation_author.name 
_citation_author.ordinal 
_citation_author.identifier_ORCID 
primary 'Eichman, B.F.'  1 ? 
primary 'Mooers, B.H.'   2 ? 
primary 'Alberti, M.'    3 ? 
primary 'Hearst, J.E.'   4 ? 
primary 'Ho, P.S.'       5 ? 
1       'Eichman, B.F.'  6 ? 
1       'Vargason, J.M.' 7 ? 
1       'Mooers, B.H.M.' 8 ? 
1       'Ho, P.S.'       9 ? 
# 
loop_
_entity.id 
_entity.type 
_entity.src_method 
_entity.pdbx_description 
_entity.formula_weight 
_entity.pdbx_number_of_molecules 
_entity.pdbx_ec 
_entity.pdbx_mutation 
_entity.pdbx_fragment 
_entity.details 
1 polymer     syn 
;DNA (5'-D(*CP*CP*GP*GP*TP*AP*CP*CP*GP*G)-3')
;
3045.992 2  ? ? ? 'DNA IS CROSS-LINKED BY PSORALEN' 
2 non-polymer syn "4'-HYDROXYMETHYL-4,5',8-TRIMETHYLPSORALEN"    258.269  1  ? ? ? ?                                 
3 water       nat water                                          18.015   43 ? ? ? ?                                 
# 
_entity_poly.entity_id                      1 
_entity_poly.type                           polydeoxyribonucleotide 
_entity_poly.nstd_linkage                   no 
_entity_poly.nstd_monomer                   no 
_entity_poly.pdbx_seq_one_letter_code       '(DC)(DC)(DG)(DG)(DT)(DA)(DC)(DC)(DG)(DG)' 
_entity_poly.pdbx_seq_one_letter_code_can   CCGGTACCGG 
_entity_poly.pdbx_strand_id                 A,B 
_entity_poly.pdbx_target_identifier         ? 
# 
loop_
_pdbx_entity_nonpoly.entity_id 
_pdbx_entity_nonpoly.name 
_pdbx_entity_nonpoly.comp_id 
2 "4'-HYDROXYMETHYL-4,5',8-TRIMETHYLPSORALEN" PSO 
3 water                                       HOH 
# 
loop_
_entity_poly_seq.entity_id 
_entity_poly_seq.num 
_entity_poly_seq.mon_id 
_entity_poly_seq.hetero 
1 1  DC n 
1 2  DC n 
1 3  DG n 
1 4  DG n 
1 5  DT n 
1 6  DA n 
1 7  DC n 
1 8  DC n 
1 9  DG n 
1 10 DG n 
# 
loop_
_chem_comp.id 
_chem_comp.type 
_chem_comp.mon_nstd_flag 
_chem_comp.name 
_chem_comp.pdbx_synonyms 
_chem_comp.formula 
_chem_comp.formula_weight 
DA  'DNA linking' y "2'-DEOXYADENOSINE-5'-MONOPHOSPHATE"        ? 'C10 H14 N5 O6 P' 331.222 
DC  'DNA linking' y "2'-DEOXYCYTIDINE-5'-MONOPHOSPHATE"         ? 'C9 H14 N3 O7 P'  307.197 
DG  'DNA linking' y "2'-DEOXYGUANOSINE-5'-MONOPHOSPHATE"        ? 'C10 H14 N5 O7 P' 347.221 
DT  'DNA linking' y "THYMIDINE-5'-MONOPHOSPHATE"                ? 'C10 H15 N2 O8 P' 322.208 
HOH non-polymer   . WATER                                       ? 'H2 O'            18.015  
PSO non-polymer   . "4'-HYDROXYMETHYL-4,5',8-TRIMETHYLPSORALEN" ? 'C15 H14 O4'      258.269 
# 
loop_
_pdbx_poly_seq_scheme.asym_id 
_pdbx_poly_seq_scheme.entity_id 
_pdbx_poly_seq_scheme.seq_id 
_pdbx_poly_seq_scheme.mon_id 
_pdbx_poly_seq_scheme.ndb_seq_num 
_pdbx_poly_seq_scheme.pdb_seq_num 
_pdbx_poly_seq_scheme.auth_seq_num 
_pdbx_poly_seq_scheme.pdb_mon_id 
_pdbx_poly_seq_scheme.auth_mon_id 
_pdbx_poly_seq_scheme.pdb_strand_id 
_pdbx_poly_seq_scheme.pdb_ins_code 
_pdbx_poly_seq_scheme.hetero 
A 1 1  DC 1  1  1  DC C A . n 
A 1 2  DC 2  2  2  DC C A . n 
A 1 3  DG 3  3  3  DG G A . n 
A 1 4  DG 4  4  4  DG G A . n 
A 1 5  DT 5  5  5  DT T A . n 
A 1 6  DA 6  6  6  DA A A . n 
A 1 7  DC 7  7  7  DC C A . n 
A 1 8  DC 8  8  8  DC C A . n 
A 1 9  DG 9  9  9  DG G A . n 
A 1 10 DG 10 10 10 DG G A . n 
B 1 1  DC 1  11 11 DC C B . n 
B 1 2  DC 2  12 12 DC C B . n 
B 1 3  DG 3  13 13 DG G B . n 
B 1 4  DG 4  14 14 DG G B . n 
B 1 5  DT 5  15 15 DT T B . n 
B 1 6  DA 6  16 16 DA A B . n 
B 1 7  DC 7  17 17 DC C B . n 
B 1 8  DC 8  18 18 DC C B . n 
B 1 9  DG 9  19 19 DG G B . n 
B 1 10 DG 10 20 20 DG G B . n 
# 
loop_
_pdbx_nonpoly_scheme.asym_id 
_pdbx_nonpoly_scheme.entity_id 
_pdbx_nonpoly_scheme.mon_id 
_pdbx_nonpoly_scheme.ndb_seq_num 
_pdbx_nonpoly_scheme.pdb_seq_num 
_pdbx_nonpoly_scheme.auth_seq_num 
_pdbx_nonpoly_scheme.pdb_mon_id 
_pdbx_nonpoly_scheme.auth_mon_id 
_pdbx_nonpoly_scheme.pdb_strand_id 
_pdbx_nonpoly_scheme.pdb_ins_code 
C 2 PSO 1  21 21 PSO PSO B . 
D 3 HOH 1  22 22 HOH HOH A . 
D 3 HOH 2  23 23 HOH HOH A . 
D 3 HOH 3  24 24 HOH HOH A . 
D 3 HOH 4  27 27 HOH HOH A . 
D 3 HOH 5  28 28 HOH HOH A . 
D 3 HOH 6  29 29 HOH HOH A . 
D 3 HOH 7  30 30 HOH HOH A . 
D 3 HOH 8  31 31 HOH HOH A . 
D 3 HOH 9  33 33 HOH HOH A . 
D 3 HOH 10 34 34 HOH HOH A . 
D 3 HOH 11 38 38 HOH HOH A . 
D 3 HOH 12 40 40 HOH HOH A . 
D 3 HOH 13 41 41 HOH HOH A . 
D 3 HOH 14 42 42 HOH HOH A . 
D 3 HOH 15 46 46 HOH HOH A . 
D 3 HOH 16 47 47 HOH HOH A . 
D 3 HOH 17 48 48 HOH HOH A . 
D 3 HOH 18 51 51 HOH HOH A . 
D 3 HOH 19 52 52 HOH HOH A . 
D 3 HOH 20 53 53 HOH HOH A . 
D 3 HOH 21 54 54 HOH HOH A . 
D 3 HOH 22 61 61 HOH HOH A . 
D 3 HOH 23 62 62 HOH HOH A . 
D 3 HOH 24 63 63 HOH HOH A . 
D 3 HOH 25 64 64 HOH HOH A . 
E 3 HOH 1  25 25 HOH HOH B . 
E 3 HOH 2  26 26 HOH HOH B . 
E 3 HOH 3  32 32 HOH HOH B . 
E 3 HOH 4  35 35 HOH HOH B . 
E 3 HOH 5  36 36 HOH HOH B . 
E 3 HOH 6  37 37 HOH HOH B . 
E 3 HOH 7  39 39 HOH HOH B . 
E 3 HOH 8  43 43 HOH HOH B . 
E 3 HOH 9  44 44 HOH HOH B . 
E 3 HOH 10 45 45 HOH HOH B . 
E 3 HOH 11 49 49 HOH HOH B . 
E 3 HOH 12 50 50 HOH HOH B . 
E 3 HOH 13 55 55 HOH HOH B . 
E 3 HOH 14 56 56 HOH HOH B . 
E 3 HOH 15 57 57 HOH HOH B . 
E 3 HOH 16 58 58 HOH HOH B . 
E 3 HOH 17 59 59 HOH HOH B . 
E 3 HOH 18 60 60 HOH HOH B . 
# 
loop_
_software.name 
_software.classification 
_software.version 
_software.citation_id 
_software.pdbx_ordinal 
DENZO     'data reduction' .     ? 1 
SCALEPACK 'data scaling'   .     ? 2 
X-PLOR    'model building' .     ? 3 
X-PLOR    refinement       3.851 ? 4 
X-PLOR    phasing          .     ? 5 
# 
_cell.entry_id           1FHZ 
_cell.length_a           72.116 
_cell.length_b           23.651 
_cell.length_c           36.182 
_cell.angle_alpha        90.00 
_cell.angle_beta         112.64 
_cell.angle_gamma        90.00 
_cell.Z_PDB              8 
_cell.pdbx_unique_axis   ? 
# 
_symmetry.entry_id                         1FHZ 
_symmetry.space_group_name_H-M             'C 1 2 1' 
_symmetry.pdbx_full_space_group_name_H-M   ? 
_symmetry.cell_setting                     monoclinic 
_symmetry.Int_Tables_number                5 
# 
_exptl.entry_id          1FHZ 
_exptl.method            'X-RAY DIFFRACTION' 
_exptl.crystals_number   1 
# 
_exptl_crystal.id                    1 
_exptl_crystal.density_meas          ? 
_exptl_crystal.density_percent_sol   44.89 
_exptl_crystal.density_Matthews      2.23 
_exptl_crystal.description           ? 
# 
_exptl_crystal_grow.crystal_id      1 
_exptl_crystal_grow.method          'VAPOR DIFFUSION, SITTING DROP' 
_exptl_crystal_grow.pH              7 
_exptl_crystal_grow.temp            277 
_exptl_crystal_grow.temp_details    ? 
_exptl_crystal_grow.pdbx_details    'sodium cacodylate, MgCl2, MPD, pH 7, VAPOR DIFFUSION, SITTING DROP, temperature 277K' 
_exptl_crystal_grow.pdbx_pH_range   . 
# 
loop_
_exptl_crystal_grow_comp.crystal_id 
_exptl_crystal_grow_comp.id 
_exptl_crystal_grow_comp.sol_id 
_exptl_crystal_grow_comp.name 
_exptl_crystal_grow_comp.conc 
_exptl_crystal_grow_comp.volume 
_exptl_crystal_grow_comp.details 
1 1 1 'sodium cacodylate' ? ? ? 
1 2 1 MgCl2               ? ? ? 
1 3 1 MPD                 ? ? ? 
1 4 2 MgCl2               ? ? ? 
1 5 2 MPD                 ? ? ? 
# 
_diffrn.id                     1 
_diffrn.ambient_temp           298.0 
_diffrn.ambient_temp_details   ? 
_diffrn.crystal_id             1 
# 
_diffrn_detector.diffrn_id              1 
_diffrn_detector.detector               CCD 
_diffrn_detector.type                   'ADSC QUANTUM 4' 
_diffrn_detector.pdbx_collection_date   1999-10-08 
_diffrn_detector.details                ? 
# 
_diffrn_radiation.diffrn_id                        1 
_diffrn_radiation.wavelength_id                    1 
_diffrn_radiation.monochromator                    ? 
_diffrn_radiation.pdbx_monochromatic_or_laue_m_l   M 
_diffrn_radiation.pdbx_diffrn_protocol             'SINGLE WAVELENGTH' 
_diffrn_radiation.pdbx_scattering_type             x-ray 
# 
_diffrn_radiation_wavelength.id           1 
_diffrn_radiation_wavelength.wavelength   1.100 
_diffrn_radiation_wavelength.wt           1.0 
# 
_diffrn_source.diffrn_id                   1 
_diffrn_source.source                      SYNCHROTRON 
_diffrn_source.type                        'ALS BEAMLINE 5.0.2' 
_diffrn_source.pdbx_wavelength             1.100 
_diffrn_source.pdbx_synchrotron_site       ALS 
_diffrn_source.pdbx_synchrotron_beamline   5.0.2 
_diffrn_source.pdbx_wavelength_list        ? 
# 
_reflns.entry_id                     1FHZ 
_reflns.observed_criterion_sigma_I   -3 
_reflns.observed_criterion_sigma_F   ? 
_reflns.d_resolution_low             33.39 
_reflns.d_resolution_high            2.20 
_reflns.number_obs                   2900 
_reflns.number_all                   2900 
_reflns.percent_possible_obs         96.7 
_reflns.pdbx_Rmerge_I_obs            0.067 
_reflns.pdbx_Rsym_value              ? 
_reflns.pdbx_netI_over_sigmaI        12.3 
_reflns.B_iso_Wilson_estimate        ? 
_reflns.pdbx_redundancy              3.3 
_reflns.R_free_details               ? 
_reflns.pdbx_diffrn_id               1 
_reflns.pdbx_ordinal                 1 
# 
_reflns_shell.d_res_high             2.20 
_reflns_shell.d_res_low              2.28 
_reflns_shell.percent_possible_obs   ? 
_reflns_shell.percent_possible_all   98.3 
_reflns_shell.Rmerge_I_obs           0.1 
_reflns_shell.meanI_over_sigI_obs    ? 
_reflns_shell.pdbx_Rsym_value        ? 
_reflns_shell.pdbx_redundancy        3.3 
_reflns_shell.number_unique_all      284 
_reflns_shell.pdbx_diffrn_id         ? 
_reflns_shell.pdbx_ordinal           1 
# 
_refine.entry_id                                 1FHZ 
_refine.ls_number_reflns_obs                     2891 
_refine.ls_number_reflns_all                     2891 
_refine.pdbx_ls_sigma_I                          ? 
_refine.pdbx_ls_sigma_F                          0.0 
_refine.pdbx_data_cutoff_high_absF               ? 
_refine.pdbx_data_cutoff_low_absF                ? 
_refine.ls_d_res_low                             33.39 
_refine.ls_d_res_high                            2.20 
_refine.ls_percent_reflns_obs                    96.5 
_refine.ls_R_factor_obs                          0.236 
_refine.ls_R_factor_all                          0.236 
_refine.ls_R_factor_R_work                       0.228 
_refine.ls_R_factor_R_free                       0.311 
_refine.ls_R_factor_R_free_error                 ? 
_refine.ls_R_factor_R_free_error_details         ? 
_refine.ls_percent_reflns_R_free                 10.5 
_refine.ls_number_reflns_R_free                  305 
_refine.ls_number_parameters                     ? 
_refine.ls_number_restraints                     ? 
_refine.occupancy_min                            ? 
_refine.occupancy_max                            ? 
_refine.B_iso_mean                               ? 
_refine.aniso_B[1][1]                            -8.0249 
_refine.aniso_B[2][2]                            13.3859 
_refine.aniso_B[3][3]                            -5.3610 
_refine.aniso_B[1][2]                            0.0000 
_refine.aniso_B[1][3]                            -0.0139 
_refine.aniso_B[2][3]                            0.0000 
_refine.solvent_model_details                    ? 
_refine.solvent_model_param_ksol                 ? 
_refine.solvent_model_param_bsol                 ? 
_refine.pdbx_ls_cross_valid_method               THROUGHOUT 
_refine.details                                  
;ANISOTROPIC B VALUES WERE APPLIED TO FCALC DURING REFINEMENT IN 
ORDER TO SCALE FCALC TO FOBS
;
_refine.pdbx_starting_model                      ? 
_refine.pdbx_method_to_determine_struct          'MOLECULAR REPLACEMENT' 
_refine.pdbx_isotropic_thermal_model             ? 
_refine.pdbx_stereochemistry_target_values       'Parkinson et al.' 
_refine.pdbx_stereochem_target_val_spec_case     ? 
_refine.pdbx_R_Free_selection_details            random 
_refine.pdbx_overall_ESU_R_Free                  ? 
_refine.overall_SU_B                             ? 
_refine.ls_redundancy_reflns_obs                 ? 
_refine.overall_SU_ML                            ? 
_refine.pdbx_overall_ESU_R                       ? 
_refine.pdbx_data_cutoff_high_rms_absF           ? 
_refine.correlation_coeff_Fo_to_Fc               ? 
_refine.overall_SU_R_Cruickshank_DPI             ? 
_refine.overall_SU_R_free                        ? 
_refine.correlation_coeff_Fo_to_Fc_free          ? 
_refine.pdbx_solvent_vdw_probe_radii             ? 
_refine.pdbx_solvent_ion_probe_radii             ? 
_refine.pdbx_solvent_shrinkage_radii             ? 
_refine.pdbx_refine_id                           'X-RAY DIFFRACTION' 
_refine.pdbx_diffrn_id                           1 
_refine.pdbx_TLS_residual_ADP_flag               ? 
_refine.pdbx_overall_phase_error                 ? 
_refine.pdbx_overall_SU_R_free_Cruickshank_DPI   ? 
_refine.pdbx_overall_SU_R_Blow_DPI               ? 
_refine.pdbx_overall_SU_R_free_Blow_DPI          ? 
# 
_refine_hist.pdbx_refine_id                   'X-RAY DIFFRACTION' 
_refine_hist.cycle_id                         LAST 
_refine_hist.pdbx_number_atoms_protein        0 
_refine_hist.pdbx_number_atoms_nucleic_acid   404 
_refine_hist.pdbx_number_atoms_ligand         19 
_refine_hist.number_atoms_solvent             43 
_refine_hist.number_atoms_total               466 
_refine_hist.d_res_high                       2.20 
_refine_hist.d_res_low                        33.39 
# 
loop_
_refine_ls_restr.type 
_refine_ls_restr.dev_ideal 
_refine_ls_restr.dev_ideal_target 
_refine_ls_restr.weight 
_refine_ls_restr.number 
_refine_ls_restr.pdbx_refine_id 
_refine_ls_restr.pdbx_restraint_function 
x_bond_d    0.015 ? ? ? 'X-RAY DIFFRACTION' ? 
x_angle_deg 1.594 ? ? ? 'X-RAY DIFFRACTION' ? 
# 
_struct.entry_id                  1FHZ 
_struct.title                     'PSORALEN CROSS-LINKED D(CCGGTACCGG) FORMS HOLLIDAY JUNCTION' 
_struct.pdbx_model_details        ? 
_struct.pdbx_CASP_flag            ? 
_struct.pdbx_model_type_details   ? 
# 
_struct_keywords.entry_id        1FHZ 
_struct_keywords.pdbx_keywords   DNA 
_struct_keywords.text            'psoralen, cross-linked DNA, Holliday junction, DNA-drug complex, DNA' 
# 
loop_
_struct_asym.id 
_struct_asym.pdbx_blank_PDB_chainid_flag 
_struct_asym.pdbx_modified 
_struct_asym.entity_id 
_struct_asym.details 
A N N 1 ? 
B N N 1 ? 
C N N 2 ? 
D N N 3 ? 
E N N 3 ? 
# 
_struct_ref.id                         1 
_struct_ref.entity_id                  1 
_struct_ref.db_name                    PDB 
_struct_ref.db_code                    1FHZ 
_struct_ref.pdbx_db_accession          1FHZ 
_struct_ref.pdbx_db_isoform            ? 
_struct_ref.pdbx_seq_one_letter_code   ? 
_struct_ref.pdbx_align_begin           ? 
# 
loop_
_struct_ref_seq.align_id 
_struct_ref_seq.ref_id 
_struct_ref_seq.pdbx_PDB_id_code 
_struct_ref_seq.pdbx_strand_id 
_struct_ref_seq.seq_align_beg 
_struct_ref_seq.pdbx_seq_align_beg_ins_code 
_struct_ref_seq.seq_align_end 
_struct_ref_seq.pdbx_seq_align_end_ins_code 
_struct_ref_seq.pdbx_db_accession 
_struct_ref_seq.db_align_beg 
_struct_ref_seq.pdbx_db_align_beg_ins_code 
_struct_ref_seq.db_align_end 
_struct_ref_seq.pdbx_db_align_end_ins_code 
_struct_ref_seq.pdbx_auth_seq_align_beg 
_struct_ref_seq.pdbx_auth_seq_align_end 
1 1 1FHZ A 1 ? 10 ? 1FHZ 1  ? 10 ? 1  10 
2 1 1FHZ B 1 ? 10 ? 1FHZ 11 ? 20 ? 11 20 
# 
_pdbx_struct_assembly.id                   1 
_pdbx_struct_assembly.details              author_defined_assembly 
_pdbx_struct_assembly.method_details       ? 
_pdbx_struct_assembly.oligomeric_details   tetrameric 
_pdbx_struct_assembly.oligomeric_count     4 
# 
_pdbx_struct_assembly_gen.assembly_id       1 
_pdbx_struct_assembly_gen.oper_expression   1,2 
_pdbx_struct_assembly_gen.asym_id_list      A,B,C,D,E 
# 
loop_
_pdbx_struct_oper_list.id 
_pdbx_struct_oper_list.type 
_pdbx_struct_oper_list.name 
_pdbx_struct_oper_list.symmetry_operation 
_pdbx_struct_oper_list.matrix[1][1] 
_pdbx_struct_oper_list.matrix[1][2] 
_pdbx_struct_oper_list.matrix[1][3] 
_pdbx_struct_oper_list.vector[1] 
_pdbx_struct_oper_list.matrix[2][1] 
_pdbx_struct_oper_list.matrix[2][2] 
_pdbx_struct_oper_list.matrix[2][3] 
_pdbx_struct_oper_list.vector[2] 
_pdbx_struct_oper_list.matrix[3][1] 
_pdbx_struct_oper_list.matrix[3][2] 
_pdbx_struct_oper_list.matrix[3][3] 
_pdbx_struct_oper_list.vector[3] 
1 'identity operation'         1_555 x,y,z     1.0000000000  0.0000000000 0.0000000000  0.0000000000   0.0000000000 1.0000000000  0.0000000000  0.0000000000  0.0000000000  0.0000000000  1.0000000000 0.0000000000  
2 'crystal symmetry operation' 2_655 -x+1,y,-z -0.7292233760 0.0236414699 -0.6838672011 -13.6100922727 0.0236414699 -0.9979358665 -0.0597083515 -4.5354554924 -0.6838672011 -0.0597083515 0.7271592425 -5.5456961028 
# 
_struct_biol.id                    1 
_struct_biol.details               
;A four-way junction is a dimer constructed from chains A and B and a  
symmetry partner generated by the two-fold
;
_struct_biol.pdbx_parent_biol_id   ? 
# 
loop_
_struct_conn.id 
_struct_conn.conn_type_id 
_struct_conn.pdbx_leaving_atom_flag 
_struct_conn.pdbx_PDB_id 
_struct_conn.ptnr1_label_asym_id 
_struct_conn.ptnr1_label_comp_id 
_struct_conn.ptnr1_label_seq_id 
_struct_conn.ptnr1_label_atom_id 
_struct_conn.pdbx_ptnr1_label_alt_id 
_struct_conn.pdbx_ptnr1_PDB_ins_code 
_struct_conn.pdbx_ptnr1_standard_comp_id 
_struct_conn.ptnr1_symmetry 
_struct_conn.ptnr2_label_asym_id 
_struct_conn.ptnr2_label_comp_id 
_struct_conn.ptnr2_label_seq_id 
_struct_conn.ptnr2_label_atom_id 
_struct_conn.pdbx_ptnr2_label_alt_id 
_struct_conn.pdbx_ptnr2_PDB_ins_code 
_struct_conn.ptnr1_auth_asym_id 
_struct_conn.ptnr1_auth_comp_id 
_struct_conn.ptnr1_auth_seq_id 
_struct_conn.ptnr2_auth_asym_id 
_struct_conn.ptnr2_auth_comp_id 
_struct_conn.ptnr2_auth_seq_id 
_struct_conn.ptnr2_symmetry 
_struct_conn.pdbx_ptnr3_label_atom_id 
_struct_conn.pdbx_ptnr3_label_seq_id 
_struct_conn.pdbx_ptnr3_label_comp_id 
_struct_conn.pdbx_ptnr3_label_asym_id 
_struct_conn.pdbx_ptnr3_label_alt_id 
_struct_conn.pdbx_ptnr3_PDB_ins_code 
_struct_conn.details 
_struct_conn.pdbx_dist_value 
_struct_conn.pdbx_value_order 
_struct_conn.pdbx_role 
covale1  covale none ? A DT 5  C5 ? ? ? 1_555 C PSO . C4    ? ? A DT 5  B PSO 21 1_555 ? ? ? ? ? ? ?            1.559 ? ? 
covale2  covale none ? A DT 5  C6 ? ? ? 1_555 C PSO . C3    ? ? A DT 5  B PSO 21 1_555 ? ? ? ? ? ? ?            1.560 ? ? 
covale3  covale none ? B DT 5  C5 ? ? ? 1_555 C PSO . "C4'" ? ? B DT 15 B PSO 21 1_555 ? ? ? ? ? ? ?            1.553 ? ? 
covale4  covale none ? B DT 5  C6 ? ? ? 1_555 C PSO . "C5'" ? ? B DT 15 B PSO 21 1_555 ? ? ? ? ? ? ?            1.566 ? ? 
hydrog1  hydrog ?    ? A DA 6  N1 ? ? ? 1_555 B DT  5 N3    ? ? A DA 6  B DT  15 1_555 ? ? ? ? ? ? WATSON-CRICK ?     ? ? 
hydrog2  hydrog ?    ? A DA 6  N6 ? ? ? 1_555 B DT  5 O4    ? ? A DA 6  B DT  15 1_555 ? ? ? ? ? ? WATSON-CRICK ?     ? ? 
hydrog3  hydrog ?    ? A DC 7  N3 ? ? ? 1_555 B DG  4 N1    ? ? A DC 7  B DG  14 1_555 ? ? ? ? ? ? WATSON-CRICK ?     ? ? 
hydrog4  hydrog ?    ? A DC 7  N4 ? ? ? 1_555 B DG  4 O6    ? ? A DC 7  B DG  14 1_555 ? ? ? ? ? ? WATSON-CRICK ?     ? ? 
hydrog5  hydrog ?    ? A DC 7  O2 ? ? ? 1_555 B DG  4 N2    ? ? A DC 7  B DG  14 1_555 ? ? ? ? ? ? WATSON-CRICK ?     ? ? 
hydrog6  hydrog ?    ? A DC 8  N3 ? ? ? 1_555 B DG  3 N1    ? ? A DC 8  B DG  13 1_555 ? ? ? ? ? ? WATSON-CRICK ?     ? ? 
hydrog7  hydrog ?    ? A DC 8  N4 ? ? ? 1_555 B DG  3 O6    ? ? A DC 8  B DG  13 1_555 ? ? ? ? ? ? WATSON-CRICK ?     ? ? 
hydrog8  hydrog ?    ? A DC 8  O2 ? ? ? 1_555 B DG  3 N2    ? ? A DC 8  B DG  13 1_555 ? ? ? ? ? ? WATSON-CRICK ?     ? ? 
hydrog9  hydrog ?    ? A DG 9  N1 ? ? ? 1_555 B DC  2 N3    ? ? A DG 9  B DC  12 1_555 ? ? ? ? ? ? WATSON-CRICK ?     ? ? 
hydrog10 hydrog ?    ? A DG 9  N2 ? ? ? 1_555 B DC  2 O2    ? ? A DG 9  B DC  12 1_555 ? ? ? ? ? ? WATSON-CRICK ?     ? ? 
hydrog11 hydrog ?    ? A DG 9  O6 ? ? ? 1_555 B DC  2 N4    ? ? A DG 9  B DC  12 1_555 ? ? ? ? ? ? WATSON-CRICK ?     ? ? 
hydrog12 hydrog ?    ? A DG 10 N1 ? ? ? 1_555 B DC  1 N3    ? ? A DG 10 B DC  11 1_555 ? ? ? ? ? ? WATSON-CRICK ?     ? ? 
hydrog13 hydrog ?    ? A DG 10 N2 ? ? ? 1_555 B DC  1 O2    ? ? A DG 10 B DC  11 1_555 ? ? ? ? ? ? WATSON-CRICK ?     ? ? 
hydrog14 hydrog ?    ? A DG 10 O6 ? ? ? 1_555 B DC  1 N4    ? ? A DG 10 B DC  11 1_555 ? ? ? ? ? ? WATSON-CRICK ?     ? ? 
# 
loop_
_struct_conn_type.id 
_struct_conn_type.criteria 
_struct_conn_type.reference 
covale ? ? 
hydrog ? ? 
# 
loop_
_struct_site.id 
_struct_site.pdbx_evidence_code 
_struct_site.pdbx_auth_asym_id 
_struct_site.pdbx_auth_comp_id 
_struct_site.pdbx_auth_seq_id 
_struct_site.pdbx_auth_ins_code 
_struct_site.pdbx_num_residues 
_struct_site.details 
AC1 Software B PSO 21 ? 4 'BINDING SITE FOR RESIDUE PSO B 21' 
1   ?        ? ?   ?  ? ? ?                                   
# 
loop_
_struct_site_gen.id 
_struct_site_gen.site_id 
_struct_site_gen.pdbx_num_res 
_struct_site_gen.label_comp_id 
_struct_site_gen.label_asym_id 
_struct_site_gen.label_seq_id 
_struct_site_gen.pdbx_auth_ins_code 
_struct_site_gen.auth_comp_id 
_struct_site_gen.auth_asym_id 
_struct_site_gen.auth_seq_id 
_struct_site_gen.label_atom_id 
_struct_site_gen.label_alt_id 
_struct_site_gen.symmetry 
_struct_site_gen.details 
1 AC1 4 DT A 5 ? DT A 5  . ? 1_555 ? 
2 AC1 4 DA A 6 ? DA A 6  . ? 1_555 ? 
3 AC1 4 DT B 5 ? DT B 15 . ? 1_555 ? 
4 AC1 4 DA B 6 ? DA B 16 . ? 1_555 ? 
# 
loop_
_pdbx_validate_close_contact.id 
_pdbx_validate_close_contact.PDB_model_num 
_pdbx_validate_close_contact.auth_atom_id_1 
_pdbx_validate_close_contact.auth_asym_id_1 
_pdbx_validate_close_contact.auth_comp_id_1 
_pdbx_validate_close_contact.auth_seq_id_1 
_pdbx_validate_close_contact.PDB_ins_code_1 
_pdbx_validate_close_contact.label_alt_id_1 
_pdbx_validate_close_contact.auth_atom_id_2 
_pdbx_validate_close_contact.auth_asym_id_2 
_pdbx_validate_close_contact.auth_comp_id_2 
_pdbx_validate_close_contact.auth_seq_id_2 
_pdbx_validate_close_contact.PDB_ins_code_2 
_pdbx_validate_close_contact.label_alt_id_2 
_pdbx_validate_close_contact.dist 
1 1 C6 A DT 5  ? ? C4    B PSO 21 ? ? 2.10 
2 1 C5 B DT 15 ? ? "C5'" B PSO 21 ? ? 2.16 
# 
loop_
_pdbx_validate_rmsd_bond.id 
_pdbx_validate_rmsd_bond.PDB_model_num 
_pdbx_validate_rmsd_bond.auth_atom_id_1 
_pdbx_validate_rmsd_bond.auth_asym_id_1 
_pdbx_validate_rmsd_bond.auth_comp_id_1 
_pdbx_validate_rmsd_bond.auth_seq_id_1 
_pdbx_validate_rmsd_bond.PDB_ins_code_1 
_pdbx_validate_rmsd_bond.label_alt_id_1 
_pdbx_validate_rmsd_bond.auth_atom_id_2 
_pdbx_validate_rmsd_bond.auth_asym_id_2 
_pdbx_validate_rmsd_bond.auth_comp_id_2 
_pdbx_validate_rmsd_bond.auth_seq_id_2 
_pdbx_validate_rmsd_bond.PDB_ins_code_2 
_pdbx_validate_rmsd_bond.label_alt_id_2 
_pdbx_validate_rmsd_bond.bond_value 
_pdbx_validate_rmsd_bond.bond_target_value 
_pdbx_validate_rmsd_bond.bond_deviation 
_pdbx_validate_rmsd_bond.bond_standard_deviation 
_pdbx_validate_rmsd_bond.linker_flag 
1 1 C4 A DT 5  ? ? C5 A DT 5  ? ? 1.501 1.445 0.056 0.009 N 
2 1 C5 A DT 5  ? ? C6 A DT 5  ? ? 1.538 1.339 0.199 0.007 N 
3 1 C6 A DT 5  ? ? N1 A DT 5  ? ? 1.441 1.378 0.063 0.007 N 
4 1 C4 B DT 15 ? ? C5 B DT 15 ? ? 1.499 1.445 0.054 0.009 N 
5 1 C5 B DT 15 ? ? C6 B DT 15 ? ? 1.538 1.339 0.199 0.007 N 
6 1 C6 B DT 15 ? ? N1 B DT 15 ? ? 1.451 1.378 0.073 0.007 N 
# 
loop_
_pdbx_validate_rmsd_angle.id 
_pdbx_validate_rmsd_angle.PDB_model_num 
_pdbx_validate_rmsd_angle.auth_atom_id_1 
_pdbx_validate_rmsd_angle.auth_asym_id_1 
_pdbx_validate_rmsd_angle.auth_comp_id_1 
_pdbx_validate_rmsd_angle.auth_seq_id_1 
_pdbx_validate_rmsd_angle.PDB_ins_code_1 
_pdbx_validate_rmsd_angle.label_alt_id_1 
_pdbx_validate_rmsd_angle.auth_atom_id_2 
_pdbx_validate_rmsd_angle.auth_asym_id_2 
_pdbx_validate_rmsd_angle.auth_comp_id_2 
_pdbx_validate_rmsd_angle.auth_seq_id_2 
_pdbx_validate_rmsd_angle.PDB_ins_code_2 
_pdbx_validate_rmsd_angle.label_alt_id_2 
_pdbx_validate_rmsd_angle.auth_atom_id_3 
_pdbx_validate_rmsd_angle.auth_asym_id_3 
_pdbx_validate_rmsd_angle.auth_comp_id_3 
_pdbx_validate_rmsd_angle.auth_seq_id_3 
_pdbx_validate_rmsd_angle.PDB_ins_code_3 
_pdbx_validate_rmsd_angle.label_alt_id_3 
_pdbx_validate_rmsd_angle.angle_value 
_pdbx_validate_rmsd_angle.angle_target_value 
_pdbx_validate_rmsd_angle.angle_deviation 
_pdbx_validate_rmsd_angle.angle_standard_deviation 
_pdbx_validate_rmsd_angle.linker_flag 
1 1 C5 A DT 5  ? ? C6 A DT 5  ? ? N1 A DT 5  ? ? 117.85 123.70 -5.85  0.60 N 
2 1 C4 A DT 5  ? ? C5 A DT 5  ? ? C7 A DT 5  ? ? 107.82 119.00 -11.18 0.60 N 
3 1 C6 A DT 5  ? ? C5 A DT 5  ? ? C7 A DT 5  ? ? 107.58 122.90 -15.32 0.60 N 
4 1 C5 B DT 15 ? ? C6 B DT 15 ? ? N1 B DT 15 ? ? 117.72 123.70 -5.98  0.60 N 
5 1 C4 B DT 15 ? ? C5 B DT 15 ? ? C7 B DT 15 ? ? 108.08 119.00 -10.92 0.60 N 
6 1 C6 B DT 15 ? ? C5 B DT 15 ? ? C7 B DT 15 ? ? 107.85 122.90 -15.05 0.60 N 
# 
_pdbx_validate_planes.id              1 
_pdbx_validate_planes.PDB_model_num   1 
_pdbx_validate_planes.auth_comp_id    DT 
_pdbx_validate_planes.auth_asym_id    B 
_pdbx_validate_planes.auth_seq_id     15 
_pdbx_validate_planes.PDB_ins_code    ? 
_pdbx_validate_planes.label_alt_id    ? 
_pdbx_validate_planes.rmsd            0.084 
_pdbx_validate_planes.type            'SIDE CHAIN' 
# 
_struct_site_keywords.site_id   1 
_struct_site_keywords.text      'INTERCALATION, COVALENT' 
# 
_pdbx_struct_special_symmetry.id              1 
_pdbx_struct_special_symmetry.PDB_model_num   1 
_pdbx_struct_special_symmetry.auth_asym_id    A 
_pdbx_struct_special_symmetry.auth_comp_id    HOH 
_pdbx_struct_special_symmetry.auth_seq_id     62 
_pdbx_struct_special_symmetry.PDB_ins_code    ? 
_pdbx_struct_special_symmetry.label_asym_id   D 
_pdbx_struct_special_symmetry.label_comp_id   HOH 
_pdbx_struct_special_symmetry.label_seq_id    . 
# 
loop_
_chem_comp_atom.comp_id 
_chem_comp_atom.atom_id 
_chem_comp_atom.type_symbol 
_chem_comp_atom.pdbx_aromatic_flag 
_chem_comp_atom.pdbx_stereo_config 
_chem_comp_atom.pdbx_ordinal 
DA  OP3    O N N 1   
DA  P      P N N 2   
DA  OP1    O N N 3   
DA  OP2    O N N 4   
DA  "O5'"  O N N 5   
DA  "C5'"  C N N 6   
DA  "C4'"  C N R 7   
DA  "O4'"  O N N 8   
DA  "C3'"  C N S 9   
DA  "O3'"  O N N 10  
DA  "C2'"  C N N 11  
DA  "C1'"  C N R 12  
DA  N9     N Y N 13  
DA  C8     C Y N 14  
DA  N7     N Y N 15  
DA  C5     C Y N 16  
DA  C6     C Y N 17  
DA  N6     N N N 18  
DA  N1     N Y N 19  
DA  C2     C Y N 20  
DA  N3     N Y N 21  
DA  C4     C Y N 22  
DA  HOP3   H N N 23  
DA  HOP2   H N N 24  
DA  "H5'"  H N N 25  
DA  "H5''" H N N 26  
DA  "H4'"  H N N 27  
DA  "H3'"  H N N 28  
DA  "HO3'" H N N 29  
DA  "H2'"  H N N 30  
DA  "H2''" H N N 31  
DA  "H1'"  H N N 32  
DA  H8     H N N 33  
DA  H61    H N N 34  
DA  H62    H N N 35  
DA  H2     H N N 36  
DC  OP3    O N N 37  
DC  P      P N N 38  
DC  OP1    O N N 39  
DC  OP2    O N N 40  
DC  "O5'"  O N N 41  
DC  "C5'"  C N N 42  
DC  "C4'"  C N R 43  
DC  "O4'"  O N N 44  
DC  "C3'"  C N S 45  
DC  "O3'"  O N N 46  
DC  "C2'"  C N N 47  
DC  "C1'"  C N R 48  
DC  N1     N N N 49  
DC  C2     C N N 50  
DC  O2     O N N 51  
DC  N3     N N N 52  
DC  C4     C N N 53  
DC  N4     N N N 54  
DC  C5     C N N 55  
DC  C6     C N N 56  
DC  HOP3   H N N 57  
DC  HOP2   H N N 58  
DC  "H5'"  H N N 59  
DC  "H5''" H N N 60  
DC  "H4'"  H N N 61  
DC  "H3'"  H N N 62  
DC  "HO3'" H N N 63  
DC  "H2'"  H N N 64  
DC  "H2''" H N N 65  
DC  "H1'"  H N N 66  
DC  H41    H N N 67  
DC  H42    H N N 68  
DC  H5     H N N 69  
DC  H6     H N N 70  
DG  OP3    O N N 71  
DG  P      P N N 72  
DG  OP1    O N N 73  
DG  OP2    O N N 74  
DG  "O5'"  O N N 75  
DG  "C5'"  C N N 76  
DG  "C4'"  C N R 77  
DG  "O4'"  O N N 78  
DG  "C3'"  C N S 79  
DG  "O3'"  O N N 80  
DG  "C2'"  C N N 81  
DG  "C1'"  C N R 82  
DG  N9     N Y N 83  
DG  C8     C Y N 84  
DG  N7     N Y N 85  
DG  C5     C Y N 86  
DG  C6     C N N 87  
DG  O6     O N N 88  
DG  N1     N N N 89  
DG  C2     C N N 90  
DG  N2     N N N 91  
DG  N3     N N N 92  
DG  C4     C Y N 93  
DG  HOP3   H N N 94  
DG  HOP2   H N N 95  
DG  "H5'"  H N N 96  
DG  "H5''" H N N 97  
DG  "H4'"  H N N 98  
DG  "H3'"  H N N 99  
DG  "HO3'" H N N 100 
DG  "H2'"  H N N 101 
DG  "H2''" H N N 102 
DG  "H1'"  H N N 103 
DG  H8     H N N 104 
DG  H1     H N N 105 
DG  H21    H N N 106 
DG  H22    H N N 107 
DT  OP3    O N N 108 
DT  P      P N N 109 
DT  OP1    O N N 110 
DT  OP2    O N N 111 
DT  "O5'"  O N N 112 
DT  "C5'"  C N N 113 
DT  "C4'"  C N R 114 
DT  "O4'"  O N N 115 
DT  "C3'"  C N S 116 
DT  "O3'"  O N N 117 
DT  "C2'"  C N N 118 
DT  "C1'"  C N R 119 
DT  N1     N N N 120 
DT  C2     C N N 121 
DT  O2     O N N 122 
DT  N3     N N N 123 
DT  C4     C N N 124 
DT  O4     O N N 125 
DT  C5     C N N 126 
DT  C7     C N N 127 
DT  C6     C N N 128 
DT  HOP3   H N N 129 
DT  HOP2   H N N 130 
DT  "H5'"  H N N 131 
DT  "H5''" H N N 132 
DT  "H4'"  H N N 133 
DT  "H3'"  H N N 134 
DT  "HO3'" H N N 135 
DT  "H2'"  H N N 136 
DT  "H2''" H N N 137 
DT  "H1'"  H N N 138 
DT  H3     H N N 139 
DT  H71    H N N 140 
DT  H72    H N N 141 
DT  H73    H N N 142 
DT  H6     H N N 143 
HOH O      O N N 144 
HOH H1     H N N 145 
HOH H2     H N N 146 
PSO O1     O Y N 147 
PSO C2     C Y N 148 
PSO C3     C Y N 149 
PSO C4     C Y N 150 
PSO C5     C Y N 151 
PSO C6     C Y N 152 
PSO C7     C Y N 153 
PSO C8     C Y N 154 
PSO C9     C Y N 155 
PSO C10    C Y N 156 
PSO "C4'"  C Y N 157 
PSO "C5'"  C Y N 158 
PSO "O6'"  O Y N 159 
PSO O11    O N N 160 
PSO C12    C N N 161 
PSO C13    C N N 162 
PSO O14    O N N 163 
PSO C15    C N N 164 
PSO C16    C N N 165 
PSO H3     H N N 166 
PSO H5     H N N 167 
PSO H121   H N N 168 
PSO H122   H N N 169 
PSO H123   H N N 170 
PSO H131   H N N 171 
PSO H132   H N N 172 
PSO H14    H N N 173 
PSO H151   H N N 174 
PSO H152   H N N 175 
PSO H153   H N N 176 
PSO H161   H N N 177 
PSO H162   H N N 178 
PSO H163   H N N 179 
# 
loop_
_chem_comp_bond.comp_id 
_chem_comp_bond.atom_id_1 
_chem_comp_bond.atom_id_2 
_chem_comp_bond.value_order 
_chem_comp_bond.pdbx_aromatic_flag 
_chem_comp_bond.pdbx_stereo_config 
_chem_comp_bond.pdbx_ordinal 
DA  OP3   P      sing N N 1   
DA  OP3   HOP3   sing N N 2   
DA  P     OP1    doub N N 3   
DA  P     OP2    sing N N 4   
DA  P     "O5'"  sing N N 5   
DA  OP2   HOP2   sing N N 6   
DA  "O5'" "C5'"  sing N N 7   
DA  "C5'" "C4'"  sing N N 8   
DA  "C5'" "H5'"  sing N N 9   
DA  "C5'" "H5''" sing N N 10  
DA  "C4'" "O4'"  sing N N 11  
DA  "C4'" "C3'"  sing N N 12  
DA  "C4'" "H4'"  sing N N 13  
DA  "O4'" "C1'"  sing N N 14  
DA  "C3'" "O3'"  sing N N 15  
DA  "C3'" "C2'"  sing N N 16  
DA  "C3'" "H3'"  sing N N 17  
DA  "O3'" "HO3'" sing N N 18  
DA  "C2'" "C1'"  sing N N 19  
DA  "C2'" "H2'"  sing N N 20  
DA  "C2'" "H2''" sing N N 21  
DA  "C1'" N9     sing N N 22  
DA  "C1'" "H1'"  sing N N 23  
DA  N9    C8     sing Y N 24  
DA  N9    C4     sing Y N 25  
DA  C8    N7     doub Y N 26  
DA  C8    H8     sing N N 27  
DA  N7    C5     sing Y N 28  
DA  C5    C6     sing Y N 29  
DA  C5    C4     doub Y N 30  
DA  C6    N6     sing N N 31  
DA  C6    N1     doub Y N 32  
DA  N6    H61    sing N N 33  
DA  N6    H62    sing N N 34  
DA  N1    C2     sing Y N 35  
DA  C2    N3     doub Y N 36  
DA  C2    H2     sing N N 37  
DA  N3    C4     sing Y N 38  
DC  OP3   P      sing N N 39  
DC  OP3   HOP3   sing N N 40  
DC  P     OP1    doub N N 41  
DC  P     OP2    sing N N 42  
DC  P     "O5'"  sing N N 43  
DC  OP2   HOP2   sing N N 44  
DC  "O5'" "C5'"  sing N N 45  
DC  "C5'" "C4'"  sing N N 46  
DC  "C5'" "H5'"  sing N N 47  
DC  "C5'" "H5''" sing N N 48  
DC  "C4'" "O4'"  sing N N 49  
DC  "C4'" "C3'"  sing N N 50  
DC  "C4'" "H4'"  sing N N 51  
DC  "O4'" "C1'"  sing N N 52  
DC  "C3'" "O3'"  sing N N 53  
DC  "C3'" "C2'"  sing N N 54  
DC  "C3'" "H3'"  sing N N 55  
DC  "O3'" "HO3'" sing N N 56  
DC  "C2'" "C1'"  sing N N 57  
DC  "C2'" "H2'"  sing N N 58  
DC  "C2'" "H2''" sing N N 59  
DC  "C1'" N1     sing N N 60  
DC  "C1'" "H1'"  sing N N 61  
DC  N1    C2     sing N N 62  
DC  N1    C6     sing N N 63  
DC  C2    O2     doub N N 64  
DC  C2    N3     sing N N 65  
DC  N3    C4     doub N N 66  
DC  C4    N4     sing N N 67  
DC  C4    C5     sing N N 68  
DC  N4    H41    sing N N 69  
DC  N4    H42    sing N N 70  
DC  C5    C6     doub N N 71  
DC  C5    H5     sing N N 72  
DC  C6    H6     sing N N 73  
DG  OP3   P      sing N N 74  
DG  OP3   HOP3   sing N N 75  
DG  P     OP1    doub N N 76  
DG  P     OP2    sing N N 77  
DG  P     "O5'"  sing N N 78  
DG  OP2   HOP2   sing N N 79  
DG  "O5'" "C5'"  sing N N 80  
DG  "C5'" "C4'"  sing N N 81  
DG  "C5'" "H5'"  sing N N 82  
DG  "C5'" "H5''" sing N N 83  
DG  "C4'" "O4'"  sing N N 84  
DG  "C4'" "C3'"  sing N N 85  
DG  "C4'" "H4'"  sing N N 86  
DG  "O4'" "C1'"  sing N N 87  
DG  "C3'" "O3'"  sing N N 88  
DG  "C3'" "C2'"  sing N N 89  
DG  "C3'" "H3'"  sing N N 90  
DG  "O3'" "HO3'" sing N N 91  
DG  "C2'" "C1'"  sing N N 92  
DG  "C2'" "H2'"  sing N N 93  
DG  "C2'" "H2''" sing N N 94  
DG  "C1'" N9     sing N N 95  
DG  "C1'" "H1'"  sing N N 96  
DG  N9    C8     sing Y N 97  
DG  N9    C4     sing Y N 98  
DG  C8    N7     doub Y N 99  
DG  C8    H8     sing N N 100 
DG  N7    C5     sing Y N 101 
DG  C5    C6     sing N N 102 
DG  C5    C4     doub Y N 103 
DG  C6    O6     doub N N 104 
DG  C6    N1     sing N N 105 
DG  N1    C2     sing N N 106 
DG  N1    H1     sing N N 107 
DG  C2    N2     sing N N 108 
DG  C2    N3     doub N N 109 
DG  N2    H21    sing N N 110 
DG  N2    H22    sing N N 111 
DG  N3    C4     sing N N 112 
DT  OP3   P      sing N N 113 
DT  OP3   HOP3   sing N N 114 
DT  P     OP1    doub N N 115 
DT  P     OP2    sing N N 116 
DT  P     "O5'"  sing N N 117 
DT  OP2   HOP2   sing N N 118 
DT  "O5'" "C5'"  sing N N 119 
DT  "C5'" "C4'"  sing N N 120 
DT  "C5'" "H5'"  sing N N 121 
DT  "C5'" "H5''" sing N N 122 
DT  "C4'" "O4'"  sing N N 123 
DT  "C4'" "C3'"  sing N N 124 
DT  "C4'" "H4'"  sing N N 125 
DT  "O4'" "C1'"  sing N N 126 
DT  "C3'" "O3'"  sing N N 127 
DT  "C3'" "C2'"  sing N N 128 
DT  "C3'" "H3'"  sing N N 129 
DT  "O3'" "HO3'" sing N N 130 
DT  "C2'" "C1'"  sing N N 131 
DT  "C2'" "H2'"  sing N N 132 
DT  "C2'" "H2''" sing N N 133 
DT  "C1'" N1     sing N N 134 
DT  "C1'" "H1'"  sing N N 135 
DT  N1    C2     sing N N 136 
DT  N1    C6     sing N N 137 
DT  C2    O2     doub N N 138 
DT  C2    N3     sing N N 139 
DT  N3    C4     sing N N 140 
DT  N3    H3     sing N N 141 
DT  C4    O4     doub N N 142 
DT  C4    C5     sing N N 143 
DT  C5    C7     sing N N 144 
DT  C5    C6     doub N N 145 
DT  C7    H71    sing N N 146 
DT  C7    H72    sing N N 147 
DT  C7    H73    sing N N 148 
DT  C6    H6     sing N N 149 
HOH O     H1     sing N N 150 
HOH O     H2     sing N N 151 
PSO O1    C2     sing Y N 152 
PSO O1    C9     sing Y N 153 
PSO C2    C3     sing Y N 154 
PSO C2    O11    doub N N 155 
PSO C3    C4     doub Y N 156 
PSO C3    H3     sing N N 157 
PSO C4    C10    sing Y N 158 
PSO C4    C12    sing N N 159 
PSO C5    C6     doub Y N 160 
PSO C5    C10    sing Y N 161 
PSO C5    H5     sing N N 162 
PSO C6    C7     sing Y N 163 
PSO C6    "C4'"  sing Y N 164 
PSO C7    C8     doub Y N 165 
PSO C7    "O6'"  sing Y N 166 
PSO C8    C9     sing Y N 167 
PSO C8    C16    sing N N 168 
PSO C9    C10    doub Y N 169 
PSO "C4'" "C5'"  doub Y N 170 
PSO "C4'" C13    sing N N 171 
PSO "C5'" "O6'"  sing Y N 172 
PSO "C5'" C15    sing N N 173 
PSO C12   H121   sing N N 174 
PSO C12   H122   sing N N 175 
PSO C12   H123   sing N N 176 
PSO C13   O14    sing N N 177 
PSO C13   H131   sing N N 178 
PSO C13   H132   sing N N 179 
PSO O14   H14    sing N N 180 
PSO C15   H151   sing N N 181 
PSO C15   H152   sing N N 182 
PSO C15   H153   sing N N 183 
PSO C16   H161   sing N N 184 
PSO C16   H162   sing N N 185 
PSO C16   H163   sing N N 186 
# 
loop_
_ndb_struct_conf_na.entry_id 
_ndb_struct_conf_na.feature 
1FHZ 'double helix'        
1FHZ 'b-form double helix' 
# 
loop_
_ndb_struct_na_base_pair.model_number 
_ndb_struct_na_base_pair.i_label_asym_id 
_ndb_struct_na_base_pair.i_label_comp_id 
_ndb_struct_na_base_pair.i_label_seq_id 
_ndb_struct_na_base_pair.i_symmetry 
_ndb_struct_na_base_pair.j_label_asym_id 
_ndb_struct_na_base_pair.j_label_comp_id 
_ndb_struct_na_base_pair.j_label_seq_id 
_ndb_struct_na_base_pair.j_symmetry 
_ndb_struct_na_base_pair.shear 
_ndb_struct_na_base_pair.stretch 
_ndb_struct_na_base_pair.stagger 
_ndb_struct_na_base_pair.buckle 
_ndb_struct_na_base_pair.propeller 
_ndb_struct_na_base_pair.opening 
_ndb_struct_na_base_pair.pair_number 
_ndb_struct_na_base_pair.pair_name 
_ndb_struct_na_base_pair.i_auth_asym_id 
_ndb_struct_na_base_pair.i_auth_seq_id 
_ndb_struct_na_base_pair.i_PDB_ins_code 
_ndb_struct_na_base_pair.j_auth_asym_id 
_ndb_struct_na_base_pair.j_auth_seq_id 
_ndb_struct_na_base_pair.j_PDB_ins_code 
_ndb_struct_na_base_pair.hbond_type_28 
_ndb_struct_na_base_pair.hbond_type_12 
1 A DA 6  1_555 B DT 5 1_555 -0.348 0.310  -0.898 -45.332 -16.125 13.809 1 A_DA6:DT15_B  A 6  ? B 15 ? 20 1 
1 A DC 7  1_555 B DG 4 1_555 0.089  -0.083 0.181  -4.755  -2.384  -0.696 2 A_DC7:DG14_B  A 7  ? B 14 ? 19 1 
1 A DC 8  1_555 B DG 3 1_555 0.554  -0.080 -0.175 10.732  -6.969  4.540  3 A_DC8:DG13_B  A 8  ? B 13 ? 19 1 
1 A DG 9  1_555 B DC 2 1_555 -0.183 0.014  0.253  8.416   -6.914  1.511  4 A_DG9:DC12_B  A 9  ? B 12 ? 19 1 
1 A DG 10 1_555 B DC 1 1_555 -0.285 -0.158 0.030  2.192   -17.746 1.475  5 A_DG10:DC11_B A 10 ? B 11 ? 19 1 
# 
loop_
_ndb_struct_na_base_pair_step.model_number 
_ndb_struct_na_base_pair_step.i_label_asym_id_1 
_ndb_struct_na_base_pair_step.i_label_comp_id_1 
_ndb_struct_na_base_pair_step.i_label_seq_id_1 
_ndb_struct_na_base_pair_step.i_symmetry_1 
_ndb_struct_na_base_pair_step.j_label_asym_id_1 
_ndb_struct_na_base_pair_step.j_label_comp_id_1 
_ndb_struct_na_base_pair_step.j_label_seq_id_1 
_ndb_struct_na_base_pair_step.j_symmetry_1 
_ndb_struct_na_base_pair_step.i_label_asym_id_2 
_ndb_struct_na_base_pair_step.i_label_comp_id_2 
_ndb_struct_na_base_pair_step.i_label_seq_id_2 
_ndb_struct_na_base_pair_step.i_symmetry_2 
_ndb_struct_na_base_pair_step.j_label_asym_id_2 
_ndb_struct_na_base_pair_step.j_label_comp_id_2 
_ndb_struct_na_base_pair_step.j_label_seq_id_2 
_ndb_struct_na_base_pair_step.j_symmetry_2 
_ndb_struct_na_base_pair_step.shift 
_ndb_struct_na_base_pair_step.slide 
_ndb_struct_na_base_pair_step.rise 
_ndb_struct_na_base_pair_step.tilt 
_ndb_struct_na_base_pair_step.roll 
_ndb_struct_na_base_pair_step.twist 
_ndb_struct_na_base_pair_step.x_displacement 
_ndb_struct_na_base_pair_step.y_displacement 
_ndb_struct_na_base_pair_step.helical_rise 
_ndb_struct_na_base_pair_step.inclination 
_ndb_struct_na_base_pair_step.tip 
_ndb_struct_na_base_pair_step.helical_twist 
_ndb_struct_na_base_pair_step.step_number 
_ndb_struct_na_base_pair_step.step_name 
_ndb_struct_na_base_pair_step.i_auth_asym_id_1 
_ndb_struct_na_base_pair_step.i_auth_seq_id_1 
_ndb_struct_na_base_pair_step.i_PDB_ins_code_1 
_ndb_struct_na_base_pair_step.j_auth_asym_id_1 
_ndb_struct_na_base_pair_step.j_auth_seq_id_1 
_ndb_struct_na_base_pair_step.j_PDB_ins_code_1 
_ndb_struct_na_base_pair_step.i_auth_asym_id_2 
_ndb_struct_na_base_pair_step.i_auth_seq_id_2 
_ndb_struct_na_base_pair_step.i_PDB_ins_code_2 
_ndb_struct_na_base_pair_step.j_auth_asym_id_2 
_ndb_struct_na_base_pair_step.j_auth_seq_id_2 
_ndb_struct_na_base_pair_step.j_PDB_ins_code_2 
1 A DA 6 1_555 B DT 5 1_555 A DC 7  1_555 B DG 4 1_555 -0.811 1.029 2.386 -14.754 3.799  20.626 1.419 -1.678 2.543 9.166  35.600  
25.594 1 AA_DA6DC7:DG14DT15_BB  A 6 ? B 15 ? A 7  ? B 14 ? 
1 A DC 7 1_555 B DG 4 1_555 A DC 8  1_555 B DG 3 1_555 0.165  2.171 2.960 7.506   -0.015 40.696 3.076 0.498  2.943 -0.021 -10.684 
41.353 2 AA_DC7DC8:DG13DG14_BB  A 7 ? B 14 ? A 8  ? B 13 ? 
1 A DC 8 1_555 B DG 3 1_555 A DG 9  1_555 B DC 2 1_555 0.180  3.080 3.407 -0.164  -0.682 37.620 4.867 -0.301 3.352 -1.057 0.254   
37.626 3 AA_DC8DG9:DC12DG13_BB  A 8 ? B 13 ? A 9  ? B 12 ? 
1 A DG 9 1_555 B DC 2 1_555 A DG 10 1_555 B DC 1 1_555 -0.180 2.681 3.689 -3.627  3.894  42.210 3.236 -0.180 3.911 5.382  5.013   
42.529 4 AA_DG9DG10:DC11DC12_BB A 9 ? B 12 ? A 10 ? B 11 ? 
# 
_atom_sites.entry_id                    1FHZ 
_atom_sites.fract_transf_matrix[1][1]   -0.01002236 
_atom_sites.fract_transf_matrix[1][2]   0.01059787 
_atom_sites.fract_transf_matrix[1][3]   -0.00360197 
_atom_sites.fract_transf_matrix[2][1]   -0.01555773 
_atom_sites.fract_transf_matrix[2][2]   -0.00135834 
_atom_sites.fract_transf_matrix[2][3]   0.03929223 
_atom_sites.fract_transf_matrix[3][1]   0.01021542 
_atom_sites.fract_transf_matrix[3][2]   0.02770169 
_atom_sites.fract_transf_matrix[3][3]   0.00500244 
_atom_sites.fract_transf_vector[1]      0.445859 
_atom_sites.fract_transf_vector[2]      -0.035848 
_atom_sites.fract_transf_vector[3]      0.146207 
# 
loop_
_atom_type.symbol 
C 
N 
O 
P 
# 
loop_
_atom_site.group_PDB 
_atom_site.id 
_atom_site.type_symbol 
_atom_site.label_atom_id 
_atom_site.label_alt_id 
_atom_site.label_comp_id 
_atom_site.label_asym_id 
_atom_site.label_entity_id 
_atom_site.label_seq_id 
_atom_site.pdbx_PDB_ins_code 
_atom_site.Cartn_x 
_atom_site.Cartn_y 
_atom_site.Cartn_z 
_atom_site.occupancy 
_atom_site.B_iso_or_equiv 
_atom_site.pdbx_formal_charge 
_atom_site.auth_seq_id 
_atom_site.auth_comp_id 
_atom_site.auth_asym_id 
_atom_site.auth_atom_id 
_atom_site.pdbx_PDB_model_num 
ATOM   1   O "O5'" . DC  A 1 1  ? -17.555 2.938   -3.440  1.00 45.02 ? 1  DC  A "O5'" 1 
ATOM   2   C "C5'" . DC  A 1 1  ? -18.736 3.250   -4.200  1.00 43.97 ? 1  DC  A "C5'" 1 
ATOM   3   C "C4'" . DC  A 1 1  ? -19.122 4.712   -4.241  1.00 43.92 ? 1  DC  A "C4'" 1 
ATOM   4   O "O4'" . DC  A 1 1  ? -19.433 5.206   -2.912  1.00 44.97 ? 1  DC  A "O4'" 1 
ATOM   5   C "C3'" . DC  A 1 1  ? -18.022 5.622   -4.786  1.00 36.86 ? 1  DC  A "C3'" 1 
ATOM   6   O "O3'" . DC  A 1 1  ? -18.633 6.657   -5.573  1.00 45.17 ? 1  DC  A "O3'" 1 
ATOM   7   C "C2'" . DC  A 1 1  ? -17.413 6.210   -3.526  1.00 35.32 ? 1  DC  A "C2'" 1 
ATOM   8   C "C1'" . DC  A 1 1  ? -18.631 6.339   -2.628  1.00 38.97 ? 1  DC  A "C1'" 1 
ATOM   9   N N1    . DC  A 1 1  ? -18.381 6.382   -1.170  1.00 35.94 ? 1  DC  A N1    1 
ATOM   10  C C2    . DC  A 1 1  ? -17.965 7.594   -0.591  1.00 31.03 ? 1  DC  A C2    1 
ATOM   11  O O2    . DC  A 1 1  ? -17.748 8.560   -1.313  1.00 32.80 ? 1  DC  A O2    1 
ATOM   12  N N3    . DC  A 1 1  ? -17.804 7.677   0.740   1.00 33.24 ? 1  DC  A N3    1 
ATOM   13  C C4    . DC  A 1 1  ? -18.025 6.613   1.499   1.00 34.13 ? 1  DC  A C4    1 
ATOM   14  N N4    . DC  A 1 1  ? -17.894 6.765   2.812   1.00 32.34 ? 1  DC  A N4    1 
ATOM   15  C C5    . DC  A 1 1  ? -18.402 5.352   0.944   1.00 31.02 ? 1  DC  A C5    1 
ATOM   16  C C6    . DC  A 1 1  ? -18.572 5.281   -0.386  1.00 31.95 ? 1  DC  A C6    1 
ATOM   17  P P     . DC  A 1 2  ? -18.056 7.000   -7.036  1.00 45.95 ? 2  DC  A P     1 
ATOM   18  O OP1   . DC  A 1 2  ? -18.717 8.258   -7.499  1.00 45.34 ? 2  DC  A OP1   1 
ATOM   19  O OP2   . DC  A 1 2  ? -18.115 5.781   -7.876  1.00 50.13 ? 2  DC  A OP2   1 
ATOM   20  O "O5'" . DC  A 1 2  ? -16.516 7.301   -6.775  1.00 48.07 ? 2  DC  A "O5'" 1 
ATOM   21  C "C5'" . DC  A 1 2  ? -16.016 8.648   -6.727  1.00 45.23 ? 2  DC  A "C5'" 1 
ATOM   22  C "C4'" . DC  A 1 2  ? -14.542 8.642   -6.393  1.00 43.34 ? 2  DC  A "C4'" 1 
ATOM   23  O "O4'" . DC  A 1 2  ? -14.373 8.270   -5.009  1.00 43.83 ? 2  DC  A "O4'" 1 
ATOM   24  C "C3'" . DC  A 1 2  ? -13.709 7.646   -7.204  1.00 42.25 ? 2  DC  A "C3'" 1 
ATOM   25  O "O3'" . DC  A 1 2  ? -12.447 8.251   -7.480  1.00 40.66 ? 2  DC  A "O3'" 1 
ATOM   26  C "C2'" . DC  A 1 2  ? -13.484 6.499   -6.238  1.00 37.67 ? 2  DC  A "C2'" 1 
ATOM   27  C "C1'" . DC  A 1 2  ? -13.421 7.222   -4.908  1.00 34.77 ? 2  DC  A "C1'" 1 
ATOM   28  N N1    . DC  A 1 2  ? -13.789 6.397   -3.749  1.00 32.44 ? 2  DC  A N1    1 
ATOM   29  C C2    . DC  A 1 2  ? -13.778 6.975   -2.473  1.00 29.48 ? 2  DC  A C2    1 
ATOM   30  O O2    . DC  A 1 2  ? -13.401 8.147   -2.335  1.00 27.82 ? 2  DC  A O2    1 
ATOM   31  N N3    . DC  A 1 2  ? -14.171 6.236   -1.417  1.00 29.61 ? 2  DC  A N3    1 
ATOM   32  C C4    . DC  A 1 2  ? -14.547 4.970   -1.594  1.00 25.36 ? 2  DC  A C4    1 
ATOM   33  N N4    . DC  A 1 2  ? -14.951 4.284   -0.527  1.00 31.94 ? 2  DC  A N4    1 
ATOM   34  C C5    . DC  A 1 2  ? -14.533 4.351   -2.872  1.00 28.79 ? 2  DC  A C5    1 
ATOM   35  C C6    . DC  A 1 2  ? -14.151 5.093   -3.912  1.00 30.78 ? 2  DC  A C6    1 
ATOM   36  P P     . DG  A 1 3  ? -12.302 9.245   -8.727  1.00 47.36 ? 3  DG  A P     1 
ATOM   37  O OP1   . DG  A 1 3  ? -13.537 10.070  -8.771  1.00 43.97 ? 3  DG  A OP1   1 
ATOM   38  O OP2   . DG  A 1 3  ? -11.906 8.433   -9.911  1.00 42.87 ? 3  DG  A OP2   1 
ATOM   39  O "O5'" . DG  A 1 3  ? -11.091 10.194  -8.313  1.00 44.02 ? 3  DG  A "O5'" 1 
ATOM   40  C "C5'" . DG  A 1 3  ? -11.301 11.345  -7.468  1.00 45.04 ? 3  DG  A "C5'" 1 
ATOM   41  C "C4'" . DG  A 1 3  ? -10.256 11.395  -6.375  1.00 41.49 ? 3  DG  A "C4'" 1 
ATOM   42  O "O4'" . DG  A 1 3  ? -10.449 10.268  -5.490  1.00 39.06 ? 3  DG  A "O4'" 1 
ATOM   43  C "C3'" . DG  A 1 3  ? -8.792  11.332  -6.820  1.00 43.86 ? 3  DG  A "C3'" 1 
ATOM   44  O "O3'" . DG  A 1 3  ? -8.031  12.048  -5.838  1.00 44.66 ? 3  DG  A "O3'" 1 
ATOM   45  C "C2'" . DG  A 1 3  ? -8.460  9.864   -6.637  1.00 35.42 ? 3  DG  A "C2'" 1 
ATOM   46  C "C1'" . DG  A 1 3  ? -9.224  9.564   -5.362  1.00 38.14 ? 3  DG  A "C1'" 1 
ATOM   47  N N9    . DG  A 1 3  ? -9.537  8.167   -5.070  1.00 33.18 ? 3  DG  A N9    1 
ATOM   48  C C8    . DG  A 1 3  ? -9.620  7.114   -5.953  1.00 34.66 ? 3  DG  A C8    1 
ATOM   49  N N7    . DG  A 1 3  ? -9.956  5.989   -5.377  1.00 36.55 ? 3  DG  A N7    1 
ATOM   50  C C5    . DG  A 1 3  ? -10.093 6.320   -4.032  1.00 33.83 ? 3  DG  A C5    1 
ATOM   51  C C6    . DG  A 1 3  ? -10.442 5.512   -2.902  1.00 33.54 ? 3  DG  A C6    1 
ATOM   52  O O6    . DG  A 1 3  ? -10.713 4.309   -2.865  1.00 34.74 ? 3  DG  A O6    1 
ATOM   53  N N1    . DG  A 1 3  ? -10.461 6.253   -1.727  1.00 32.38 ? 3  DG  A N1    1 
ATOM   54  C C2    . DG  A 1 3  ? -10.193 7.594   -1.641  1.00 34.77 ? 3  DG  A C2    1 
ATOM   55  N N2    . DG  A 1 3  ? -10.293 8.130   -0.424  1.00 32.25 ? 3  DG  A N2    1 
ATOM   56  N N3    . DG  A 1 3  ? -9.861  8.353   -2.673  1.00 35.15 ? 3  DG  A N3    1 
ATOM   57  C C4    . DG  A 1 3  ? -9.833  7.657   -3.829  1.00 30.22 ? 3  DG  A C4    1 
ATOM   58  P P     . DG  A 1 4  ? -7.306  13.442  -6.209  1.00 44.15 ? 4  DG  A P     1 
ATOM   59  O OP1   . DG  A 1 4  ? -8.344  14.490  -6.389  1.00 48.84 ? 4  DG  A OP1   1 
ATOM   60  O OP2   . DG  A 1 4  ? -6.313  13.196  -7.281  1.00 46.55 ? 4  DG  A OP2   1 
ATOM   61  O "O5'" . DG  A 1 4  ? -6.541  13.806  -4.861  1.00 42.16 ? 4  DG  A "O5'" 1 
ATOM   62  C "C5'" . DG  A 1 4  ? -7.278  14.233  -3.700  1.00 44.25 ? 4  DG  A "C5'" 1 
ATOM   63  C "C4'" . DG  A 1 4  ? -6.656  13.674  -2.441  1.00 44.08 ? 4  DG  A "C4'" 1 
ATOM   64  O "O4'" . DG  A 1 4  ? -6.925  12.258  -2.348  1.00 42.35 ? 4  DG  A "O4'" 1 
ATOM   65  C "C3'" . DG  A 1 4  ? -5.135  13.825  -2.378  1.00 47.24 ? 4  DG  A "C3'" 1 
ATOM   66  O "O3'" . DG  A 1 4  ? -4.751  14.211  -1.057  1.00 50.37 ? 4  DG  A "O3'" 1 
ATOM   67  C "C2'" . DG  A 1 4  ? -4.613  12.433  -2.681  1.00 46.56 ? 4  DG  A "C2'" 1 
ATOM   68  C "C1'" . DG  A 1 4  ? -5.715  11.538  -2.155  1.00 42.70 ? 4  DG  A "C1'" 1 
ATOM   69  N N9    . DG  A 1 4  ? -5.818  10.290  -2.895  1.00 43.77 ? 4  DG  A N9    1 
ATOM   70  C C8    . DG  A 1 4  ? -5.541  10.105  -4.227  1.00 45.25 ? 4  DG  A C8    1 
ATOM   71  N N7    . DG  A 1 4  ? -5.719  8.875   -4.619  1.00 42.03 ? 4  DG  A N7    1 
ATOM   72  C C5    . DG  A 1 4  ? -6.148  8.209   -3.480  1.00 38.60 ? 4  DG  A C5    1 
ATOM   73  C C6    . DG  A 1 4  ? -6.502  6.862   -3.296  1.00 36.74 ? 4  DG  A C6    1 
ATOM   74  O O6    . DG  A 1 4  ? -6.524  5.954   -4.135  1.00 37.24 ? 4  DG  A O6    1 
ATOM   75  N N1    . DG  A 1 4  ? -6.867  6.605   -1.982  1.00 34.36 ? 4  DG  A N1    1 
ATOM   76  C C2    . DG  A 1 4  ? -6.894  7.531   -0.979  1.00 33.16 ? 4  DG  A C2    1 
ATOM   77  N N2    . DG  A 1 4  ? -7.248  7.081   0.219   1.00 36.04 ? 4  DG  A N2    1 
ATOM   78  N N3    . DG  A 1 4  ? -6.586  8.803   -1.139  1.00 36.29 ? 4  DG  A N3    1 
ATOM   79  C C4    . DG  A 1 4  ? -6.214  9.069   -2.407  1.00 40.82 ? 4  DG  A C4    1 
ATOM   80  P P     . DT  A 1 5  ? -3.195  14.408  -0.700  1.00 53.04 ? 5  DT  A P     1 
ATOM   81  O OP1   . DT  A 1 5  ? -3.146  15.427  0.386   1.00 52.59 ? 5  DT  A OP1   1 
ATOM   82  O OP2   . DT  A 1 5  ? -2.420  14.620  -1.953  1.00 47.01 ? 5  DT  A OP2   1 
ATOM   83  O "O5'" . DT  A 1 5  ? -2.785  13.000  -0.078  1.00 52.85 ? 5  DT  A "O5'" 1 
ATOM   84  C "C5'" . DT  A 1 5  ? -3.571  12.405  0.970   1.00 52.11 ? 5  DT  A "C5'" 1 
ATOM   85  C "C4'" . DT  A 1 5  ? -2.938  11.113  1.432   1.00 55.07 ? 5  DT  A "C4'" 1 
ATOM   86  O "O4'" . DT  A 1 5  ? -3.168  10.060  0.468   1.00 56.09 ? 5  DT  A "O4'" 1 
ATOM   87  C "C3'" . DT  A 1 5  ? -1.419  11.175  1.626   1.00 54.15 ? 5  DT  A "C3'" 1 
ATOM   88  O "O3'" . DT  A 1 5  ? -1.093  10.292  2.702   1.00 58.90 ? 5  DT  A "O3'" 1 
ATOM   89  C "C2'" . DT  A 1 5  ? -0.897  10.538  0.353   1.00 52.18 ? 5  DT  A "C2'" 1 
ATOM   90  C "C1'" . DT  A 1 5  ? -1.929  9.444   0.166   1.00 55.88 ? 5  DT  A "C1'" 1 
ATOM   91  N N1    . DT  A 1 5  ? -2.013  8.850   -1.177  1.00 55.95 ? 5  DT  A N1    1 
ATOM   92  C C2    . DT  A 1 5  ? -3.209  8.273   -1.535  1.00 56.32 ? 5  DT  A C2    1 
ATOM   93  O O2    . DT  A 1 5  ? -4.109  8.131   -0.731  1.00 60.75 ? 5  DT  A O2    1 
ATOM   94  N N3    . DT  A 1 5  ? -3.299  7.767   -2.800  1.00 56.20 ? 5  DT  A N3    1 
ATOM   95  C C4    . DT  A 1 5  ? -2.366  7.762   -3.805  1.00 60.31 ? 5  DT  A C4    1 
ATOM   96  O O4    . DT  A 1 5  ? -2.677  7.322   -4.905  1.00 58.88 ? 5  DT  A O4    1 
ATOM   97  C C5    . DT  A 1 5  ? -1.028  8.360   -3.479  1.00 59.02 ? 5  DT  A C5    1 
ATOM   98  C C7    . DT  A 1 5  ? -0.786  9.489   -4.434  1.00 56.05 ? 5  DT  A C7    1 
ATOM   99  C C6    . DT  A 1 5  ? -0.872  8.915   -2.054  1.00 58.39 ? 5  DT  A C6    1 
ATOM   100 P P     . DA  A 1 6  ? -0.294  10.802  3.976   1.00 56.97 ? 6  DA  A P     1 
ATOM   101 O OP1   . DA  A 1 6  ? -1.314  11.384  4.894   1.00 54.30 ? 6  DA  A OP1   1 
ATOM   102 O OP2   . DA  A 1 6  ? 0.894   11.594  3.566   1.00 59.68 ? 6  DA  A OP2   1 
ATOM   103 O "O5'" . DA  A 1 6  ? 0.237   9.427   4.564   1.00 54.00 ? 6  DA  A "O5'" 1 
ATOM   104 C "C5'" . DA  A 1 6  ? 0.415   8.310   3.689   1.00 48.82 ? 6  DA  A "C5'" 1 
ATOM   105 C "C4'" . DA  A 1 6  ? 0.528   7.030   4.484   1.00 41.53 ? 6  DA  A "C4'" 1 
ATOM   106 O "O4'" . DA  A 1 6  ? 0.738   5.986   3.520   1.00 46.43 ? 6  DA  A "O4'" 1 
ATOM   107 C "C3'" . DA  A 1 6  ? 1.736   6.982   5.408   1.00 49.46 ? 6  DA  A "C3'" 1 
ATOM   108 O "O3'" . DA  A 1 6  ? 1.476   6.092   6.500   1.00 51.88 ? 6  DA  A "O3'" 1 
ATOM   109 C "C2'" . DA  A 1 6  ? 2.836   6.439   4.517   1.00 46.58 ? 6  DA  A "C2'" 1 
ATOM   110 C "C1'" . DA  A 1 6  ? 2.115   5.642   3.440   1.00 45.01 ? 6  DA  A "C1'" 1 
ATOM   111 N N9    . DA  A 1 6  ? 2.557   5.944   2.082   1.00 43.66 ? 6  DA  A N9    1 
ATOM   112 C C8    . DA  A 1 6  ? 2.974   7.153   1.589   1.00 38.79 ? 6  DA  A C8    1 
ATOM   113 N N7    . DA  A 1 6  ? 3.257   7.133   0.315   1.00 41.69 ? 6  DA  A N7    1 
ATOM   114 C C5    . DA  A 1 6  ? 3.020   5.819   -0.057  1.00 44.41 ? 6  DA  A C5    1 
ATOM   115 C C6    . DA  A 1 6  ? 3.137   5.153   -1.284  1.00 42.54 ? 6  DA  A C6    1 
ATOM   116 N N6    . DA  A 1 6  ? 3.529   5.759   -2.411  1.00 49.92 ? 6  DA  A N6    1 
ATOM   117 N N1    . DA  A 1 6  ? 2.826   3.836   -1.321  1.00 44.50 ? 6  DA  A N1    1 
ATOM   118 C C2    . DA  A 1 6  ? 2.425   3.247   -0.191  1.00 39.51 ? 6  DA  A C2    1 
ATOM   119 N N3    . DA  A 1 6  ? 2.278   3.769   1.024   1.00 41.03 ? 6  DA  A N3    1 
ATOM   120 C C4    . DA  A 1 6  ? 2.596   5.075   1.022   1.00 38.53 ? 6  DA  A C4    1 
ATOM   121 P P     . DC  A 1 7  ? 2.533   5.977   7.703   1.00 53.98 ? 7  DC  A P     1 
ATOM   122 O OP1   . DC  A 1 7  ? 1.751   5.523   8.885   1.00 53.69 ? 7  DC  A OP1   1 
ATOM   123 O OP2   . DC  A 1 7  ? 3.348   7.226   7.787   1.00 53.17 ? 7  DC  A OP2   1 
ATOM   124 O "O5'" . DC  A 1 7  ? 3.502   4.803   7.241   1.00 53.69 ? 7  DC  A "O5'" 1 
ATOM   125 C "C5'" . DC  A 1 7  ? 2.983   3.485   6.969   1.00 53.48 ? 7  DC  A "C5'" 1 
ATOM   126 C "C4'" . DC  A 1 7  ? 4.028   2.629   6.289   1.00 50.14 ? 7  DC  A "C4'" 1 
ATOM   127 O "O4'" . DC  A 1 7  ? 4.146   2.982   4.892   1.00 48.31 ? 7  DC  A "O4'" 1 
ATOM   128 C "C3'" . DC  A 1 7  ? 5.448   2.718   6.868   1.00 55.24 ? 7  DC  A "C3'" 1 
ATOM   129 O "O3'" . DC  A 1 7  ? 6.010   1.401   6.949   1.00 57.08 ? 7  DC  A "O3'" 1 
ATOM   130 C "C2'" . DC  A 1 7  ? 6.216   3.478   5.801   1.00 53.75 ? 7  DC  A "C2'" 1 
ATOM   131 C "C1'" . DC  A 1 7  ? 5.517   2.958   4.565   1.00 48.06 ? 7  DC  A "C1'" 1 
ATOM   132 N N1    . DC  A 1 7  ? 5.717   3.683   3.302   1.00 44.96 ? 7  DC  A N1    1 
ATOM   133 C C2    . DC  A 1 7  ? 5.617   2.954   2.111   1.00 43.89 ? 7  DC  A C2    1 
ATOM   134 O O2    . DC  A 1 7  ? 5.339   1.741   2.171   1.00 49.42 ? 7  DC  A O2    1 
ATOM   135 N N3    . DC  A 1 7  ? 5.830   3.577   0.933   1.00 40.08 ? 7  DC  A N3    1 
ATOM   136 C C4    . DC  A 1 7  ? 6.134   4.871   0.912   1.00 42.08 ? 7  DC  A C4    1 
ATOM   137 N N4    . DC  A 1 7  ? 6.355   5.431   -0.274  1.00 37.91 ? 7  DC  A N4    1 
ATOM   138 C C5    . DC  A 1 7  ? 6.226   5.646   2.108   1.00 43.93 ? 7  DC  A C5    1 
ATOM   139 C C6    . DC  A 1 7  ? 6.008   5.016   3.272   1.00 42.00 ? 7  DC  A C6    1 
ATOM   140 P P     . DC  A 1 8  ? 5.786   0.523   8.270   1.00 55.28 ? 8  DC  A P     1 
ATOM   141 O OP1   . DC  A 1 8  ? 4.319   0.522   8.535   1.00 56.19 ? 8  DC  A OP1   1 
ATOM   142 O OP2   . DC  A 1 8  ? 6.731   0.999   9.309   1.00 54.75 ? 8  DC  A OP2   1 
ATOM   143 O "O5'" . DC  A 1 8  ? 6.206   -0.947  7.838   1.00 51.46 ? 8  DC  A "O5'" 1 
ATOM   144 C "C5'" . DC  A 1 8  ? 5.620   -1.574  6.684   1.00 47.79 ? 8  DC  A "C5'" 1 
ATOM   145 C "C4'" . DC  A 1 8  ? 6.685   -2.317  5.914   1.00 48.31 ? 8  DC  A "C4'" 1 
ATOM   146 O "O4'" . DC  A 1 8  ? 7.189   -1.497  4.838   1.00 44.87 ? 8  DC  A "O4'" 1 
ATOM   147 C "C3'" . DC  A 1 8  ? 7.896   -2.683  6.773   1.00 42.47 ? 8  DC  A "C3'" 1 
ATOM   148 O "O3'" . DC  A 1 8  ? 8.382   -3.956  6.356   1.00 45.81 ? 8  DC  A "O3'" 1 
ATOM   149 C "C2'" . DC  A 1 8  ? 8.915   -1.621  6.413   1.00 43.69 ? 8  DC  A "C2'" 1 
ATOM   150 C "C1'" . DC  A 1 8  ? 8.593   -1.333  4.960   1.00 37.91 ? 8  DC  A "C1'" 1 
ATOM   151 N N1    . DC  A 1 8  ? 8.915   0.034   4.526   1.00 36.61 ? 8  DC  A N1    1 
ATOM   152 C C2    . DC  A 1 8  ? 8.711   0.371   3.197   1.00 30.93 ? 8  DC  A C2    1 
ATOM   153 O O2    . DC  A 1 8  ? 8.346   -0.507  2.411   1.00 36.69 ? 8  DC  A O2    1 
ATOM   154 N N3    . DC  A 1 8  ? 8.935   1.638   2.794   1.00 33.30 ? 8  DC  A N3    1 
ATOM   155 C C4    . DC  A 1 8  ? 9.382   2.540   3.661   1.00 31.13 ? 8  DC  A C4    1 
ATOM   156 N N4    . DC  A 1 8  ? 9.613   3.775   3.215   1.00 33.79 ? 8  DC  A N4    1 
ATOM   157 C C5    . DC  A 1 8  ? 9.622   2.219   5.021   1.00 36.26 ? 8  DC  A C5    1 
ATOM   158 C C6    . DC  A 1 8  ? 9.380   0.966   5.409   1.00 37.20 ? 8  DC  A C6    1 
ATOM   159 P P     . DG  A 1 9  ? 8.072   -5.250  7.253   1.00 46.70 ? 9  DG  A P     1 
ATOM   160 O OP1   . DG  A 1 9  ? 6.604   -5.262  7.510   1.00 46.27 ? 9  DG  A OP1   1 
ATOM   161 O OP2   . DG  A 1 9  ? 9.025   -5.203  8.400   1.00 45.70 ? 9  DG  A OP2   1 
ATOM   162 O "O5'" . DG  A 1 9  ? 8.477   -6.490  6.327   1.00 46.19 ? 9  DG  A "O5'" 1 
ATOM   163 C "C5'" . DG  A 1 9  ? 7.876   -6.709  5.026   1.00 38.58 ? 9  DG  A "C5'" 1 
ATOM   164 C "C4'" . DG  A 1 9  ? 8.946   -6.878  3.967   1.00 39.84 ? 9  DG  A "C4'" 1 
ATOM   165 O "O4'" . DG  A 1 9  ? 9.563   -5.611  3.646   1.00 34.71 ? 9  DG  A "O4'" 1 
ATOM   166 C "C3'" . DG  A 1 9  ? 10.099  -7.823  4.313   1.00 36.97 ? 9  DG  A "C3'" 1 
ATOM   167 O "O3'" . DG  A 1 9  ? 10.560  -8.392  3.089   1.00 41.37 ? 9  DG  A "O3'" 1 
ATOM   168 C "C2'" . DG  A 1 9  ? 11.187  -6.868  4.766   1.00 32.33 ? 9  DG  A "C2'" 1 
ATOM   169 C "C1'" . DG  A 1 9  ? 10.977  -5.715  3.801   1.00 33.21 ? 9  DG  A "C1'" 1 
ATOM   170 N N9    . DG  A 1 9  ? 11.460  -4.428  4.276   1.00 29.86 ? 9  DG  A N9    1 
ATOM   171 C C8    . DG  A 1 9  ? 11.834  -4.102  5.552   1.00 21.69 ? 9  DG  A C8    1 
ATOM   172 N N7    . DG  A 1 9  ? 12.126  -2.842  5.688   1.00 27.75 ? 9  DG  A N7    1 
ATOM   173 C C5    . DG  A 1 9  ? 11.960  -2.309  4.418   1.00 28.24 ? 9  DG  A C5    1 
ATOM   174 C C6    . DG  A 1 9  ? 12.148  -0.976  3.936   1.00 30.52 ? 9  DG  A C6    1 
ATOM   175 O O6    . DG  A 1 9  ? 12.510  0.034   4.562   1.00 34.03 ? 9  DG  A O6    1 
ATOM   176 N N1    . DG  A 1 9  ? 11.865  -0.877  2.579   1.00 28.22 ? 9  DG  A N1    1 
ATOM   177 C C2    . DG  A 1 9  ? 11.464  -1.913  1.780   1.00 29.47 ? 9  DG  A C2    1 
ATOM   178 N N2    . DG  A 1 9  ? 11.238  -1.588  0.496   1.00 31.99 ? 9  DG  A N2    1 
ATOM   179 N N3    . DG  A 1 9  ? 11.297  -3.163  2.209   1.00 26.74 ? 9  DG  A N3    1 
ATOM   180 C C4    . DG  A 1 9  ? 11.562  -3.281  3.531   1.00 26.48 ? 9  DG  A C4    1 
ATOM   181 P P     . DG  A 1 10 ? 10.336  -9.944  2.794   1.00 43.27 ? 10 DG  A P     1 
ATOM   182 O OP1   . DG  A 1 10 ? 8.863   -10.182 2.855   1.00 40.38 ? 10 DG  A OP1   1 
ATOM   183 O OP2   . DG  A 1 10 ? 11.254  -10.716 3.660   1.00 44.14 ? 10 DG  A OP2   1 
ATOM   184 O "O5'" . DG  A 1 10 ? 10.843  -10.108 1.294   1.00 46.43 ? 10 DG  A "O5'" 1 
ATOM   185 C "C5'" . DG  A 1 10 ? 10.155  -9.442  0.214   1.00 44.90 ? 10 DG  A "C5'" 1 
ATOM   186 C "C4'" . DG  A 1 10 ? 11.135  -8.972  -0.839  1.00 39.56 ? 10 DG  A "C4'" 1 
ATOM   187 O "O4'" . DG  A 1 10 ? 11.801  -7.774  -0.380  1.00 38.83 ? 10 DG  A "O4'" 1 
ATOM   188 C "C3'" . DG  A 1 10 ? 12.241  -9.973  -1.159  1.00 46.33 ? 10 DG  A "C3'" 1 
ATOM   189 O "O3'" . DG  A 1 10 ? 12.698  -9.819  -2.509  1.00 42.83 ? 10 DG  A "O3'" 1 
ATOM   190 C "C2'" . DG  A 1 10 ? 13.355  -9.532  -0.231  1.00 43.53 ? 10 DG  A "C2'" 1 
ATOM   191 C "C1'" . DG  A 1 10 ? 13.182  -8.023  -0.177  1.00 35.43 ? 10 DG  A "C1'" 1 
ATOM   192 N N9    . DG  A 1 10 ? 13.559  -7.435  1.102   1.00 31.60 ? 10 DG  A N9    1 
ATOM   193 C C8    . DG  A 1 10 ? 13.636  -8.061  2.320   1.00 29.84 ? 10 DG  A C8    1 
ATOM   194 N N7    . DG  A 1 10 ? 14.032  -7.271  3.275   1.00 35.95 ? 10 DG  A N7    1 
ATOM   195 C C5    . DG  A 1 10 ? 14.209  -6.045  2.646   1.00 33.35 ? 10 DG  A C5    1 
ATOM   196 C C6    . DG  A 1 10 ? 14.619  -4.790  3.165   1.00 32.42 ? 10 DG  A C6    1 
ATOM   197 O O6    . DG  A 1 10 ? 14.901  -4.490  4.328   1.00 31.21 ? 10 DG  A O6    1 
ATOM   198 N N1    . DG  A 1 10 ? 14.679  -3.823  2.171   1.00 29.80 ? 10 DG  A N1    1 
ATOM   199 C C2    . DG  A 1 10 ? 14.367  -4.027  0.855   1.00 25.38 ? 10 DG  A C2    1 
ATOM   200 N N2    . DG  A 1 10 ? 14.493  -2.981  0.049   1.00 29.10 ? 10 DG  A N2    1 
ATOM   201 N N3    . DG  A 1 10 ? 13.965  -5.175  0.365   1.00 29.85 ? 10 DG  A N3    1 
ATOM   202 C C4    . DG  A 1 10 ? 13.916  -6.136  1.308   1.00 28.49 ? 10 DG  A C4    1 
ATOM   203 O "O5'" . DC  B 1 1  ? 16.616  4.482   3.308   1.00 46.58 ? 11 DC  B "O5'" 1 
ATOM   204 C "C5'" . DC  B 1 1  ? 17.428  5.003   2.257   1.00 44.19 ? 11 DC  B "C5'" 1 
ATOM   205 C "C4'" . DC  B 1 1  ? 17.731  3.953   1.214   1.00 46.48 ? 11 DC  B "C4'" 1 
ATOM   206 O "O4'" . DC  B 1 1  ? 17.836  2.682   1.894   1.00 43.25 ? 11 DC  B "O4'" 1 
ATOM   207 C "C3'" . DC  B 1 1  ? 16.643  3.774   0.147   1.00 47.63 ? 11 DC  B "C3'" 1 
ATOM   208 O "O3'" . DC  B 1 1  ? 17.246  3.358   -1.090  1.00 53.29 ? 11 DC  B "O3'" 1 
ATOM   209 C "C2'" . DC  B 1 1  ? 15.822  2.620   0.687   1.00 44.20 ? 11 DC  B "C2'" 1 
ATOM   210 C "C1'" . DC  B 1 1  ? 16.898  1.768   1.339   1.00 47.67 ? 11 DC  B "C1'" 1 
ATOM   211 N N1    . DC  B 1 1  ? 16.435  0.876   2.411   1.00 41.11 ? 11 DC  B N1    1 
ATOM   212 C C2    . DC  B 1 1  ? 16.032  -0.414  2.085   1.00 34.45 ? 11 DC  B C2    1 
ATOM   213 O O2    . DC  B 1 1  ? 16.038  -0.769  0.896   1.00 32.52 ? 11 DC  B O2    1 
ATOM   214 N N3    . DC  B 1 1  ? 15.645  -1.243  3.063   1.00 31.06 ? 11 DC  B N3    1 
ATOM   215 C C4    . DC  B 1 1  ? 15.640  -0.829  4.322   1.00 34.25 ? 11 DC  B C4    1 
ATOM   216 N N4    . DC  B 1 1  ? 15.266  -1.688  5.251   1.00 35.54 ? 11 DC  B N4    1 
ATOM   217 C C5    . DC  B 1 1  ? 16.023  0.484   4.681   1.00 33.52 ? 11 DC  B C5    1 
ATOM   218 C C6    . DC  B 1 1  ? 16.410  1.299   3.706   1.00 36.38 ? 11 DC  B C6    1 
ATOM   219 P P     . DC  B 1 2  ? 17.213  4.332   -2.370  1.00 60.16 ? 12 DC  B P     1 
ATOM   220 O OP1   . DC  B 1 2  ? 18.274  3.892   -3.319  1.00 55.07 ? 12 DC  B OP1   1 
ATOM   221 O OP2   . DC  B 1 2  ? 17.173  5.741   -1.900  1.00 57.39 ? 12 DC  B OP2   1 
ATOM   222 O "O5'" . DC  B 1 2  ? 15.811  4.056   -3.056  1.00 53.68 ? 12 DC  B "O5'" 1 
ATOM   223 C "C5'" . DC  B 1 2  ? 15.590  2.893   -3.848  1.00 51.53 ? 12 DC  B "C5'" 1 
ATOM   224 C "C4'" . DC  B 1 2  ? 14.105  2.629   -3.927  1.00 51.03 ? 12 DC  B "C4'" 1 
ATOM   225 O "O4'" . DC  B 1 2  ? 13.632  2.172   -2.641  1.00 48.38 ? 12 DC  B "O4'" 1 
ATOM   226 C "C3'" . DC  B 1 2  ? 13.286  3.880   -4.252  1.00 51.41 ? 12 DC  B "C3'" 1 
ATOM   227 O "O3'" . DC  B 1 2  ? 12.192  3.482   -5.081  1.00 52.91 ? 12 DC  B "O3'" 1 
ATOM   228 C "C2'" . DC  B 1 2  ? 12.771  4.325   -2.897  1.00 44.87 ? 12 DC  B "C2'" 1 
ATOM   229 C "C1'" . DC  B 1 2  ? 12.558  2.991   -2.217  1.00 41.38 ? 12 DC  B "C1'" 1 
ATOM   230 N N1    . DC  B 1 2  ? 12.566  3.009   -0.755  1.00 39.86 ? 12 DC  B N1    1 
ATOM   231 C C2    . DC  B 1 2  ? 12.252  1.830   -0.090  1.00 35.97 ? 12 DC  B C2    1 
ATOM   232 O O2    . DC  B 1 2  ? 11.930  0.831   -0.758  1.00 43.48 ? 12 DC  B O2    1 
ATOM   233 N N3    . DC  B 1 2  ? 12.293  1.801   1.259   1.00 37.39 ? 12 DC  B N3    1 
ATOM   234 C C4    . DC  B 1 2  ? 12.616  2.898   1.939   1.00 35.49 ? 12 DC  B C4    1 
ATOM   235 N N4    . DC  B 1 2  ? 12.665  2.818   3.277   1.00 39.56 ? 12 DC  B N4    1 
ATOM   236 C C5    . DC  B 1 2  ? 12.914  4.125   1.283   1.00 32.43 ? 12 DC  B C5    1 
ATOM   237 C C6    . DC  B 1 2  ? 12.881  4.135   -0.056  1.00 37.91 ? 12 DC  B C6    1 
ATOM   238 P P     . DG  B 1 3  ? 12.414  3.352   -6.665  1.00 58.67 ? 13 DG  B P     1 
ATOM   239 O OP1   . DG  B 1 3  ? 13.819  2.900   -6.862  1.00 60.70 ? 13 DG  B OP1   1 
ATOM   240 O OP2   . DG  B 1 3  ? 11.953  4.622   -7.286  1.00 56.77 ? 13 DG  B OP2   1 
ATOM   241 O "O5'" . DG  B 1 3  ? 11.415  2.199   -7.127  1.00 55.17 ? 13 DG  B "O5'" 1 
ATOM   242 C "C5'" . DG  B 1 3  ? 11.587  0.829   -6.707  1.00 53.15 ? 13 DG  B "C5'" 1 
ATOM   243 C "C4'" . DG  B 1 3  ? 10.235  0.186   -6.491  1.00 52.87 ? 13 DG  B "C4'" 1 
ATOM   244 O "O4'" . DG  B 1 3  ? 9.774   0.410   -5.145  1.00 53.12 ? 13 DG  B "O4'" 1 
ATOM   245 C "C3'" . DG  B 1 3  ? 9.126   0.727   -7.388  1.00 53.70 ? 13 DG  B "C3'" 1 
ATOM   246 O "O3'" . DG  B 1 3  ? 8.107   -0.269  -7.403  1.00 58.01 ? 13 DG  B "O3'" 1 
ATOM   247 C "C2'" . DG  B 1 3  ? 8.584   1.871   -6.557  1.00 51.20 ? 13 DG  B "C2'" 1 
ATOM   248 C "C1'" . DG  B 1 3  ? 8.627   1.254   -5.170  1.00 44.74 ? 13 DG  B "C1'" 1 
ATOM   249 N N9    . DG  B 1 3  ? 8.766   2.204   -4.080  1.00 42.61 ? 13 DG  B N9    1 
ATOM   250 C C8    . DG  B 1 3  ? 9.021   3.557   -4.152  1.00 41.95 ? 13 DG  B C8    1 
ATOM   251 N N7    . DG  B 1 3  ? 9.150   4.112   -2.974  1.00 42.59 ? 13 DG  B N7    1 
ATOM   252 C C5    . DG  B 1 3  ? 8.950   3.065   -2.077  1.00 39.97 ? 13 DG  B C5    1 
ATOM   253 C C6    . DG  B 1 3  ? 8.957   3.049   -0.661  1.00 38.13 ? 13 DG  B C6    1 
ATOM   254 O O6    . DG  B 1 3  ? 9.152   3.991   0.117   1.00 43.10 ? 13 DG  B O6    1 
ATOM   255 N N1    . DG  B 1 3  ? 8.709   1.768   -0.159  1.00 34.02 ? 13 DG  B N1    1 
ATOM   256 C C2    . DG  B 1 3  ? 8.477   0.650   -0.919  1.00 34.31 ? 13 DG  B C2    1 
ATOM   257 N N2    . DG  B 1 3  ? 8.258   -0.479  -0.249  1.00 35.80 ? 13 DG  B N2    1 
ATOM   258 N N3    . DG  B 1 3  ? 8.460   0.647   -2.238  1.00 35.37 ? 13 DG  B N3    1 
ATOM   259 C C4    . DG  B 1 3  ? 8.703   1.884   -2.748  1.00 38.46 ? 13 DG  B C4    1 
ATOM   260 P P     . DG  B 1 4  ? 7.459   -0.723  -8.786  1.00 57.33 ? 14 DG  B P     1 
ATOM   261 O OP1   . DG  B 1 4  ? 8.510   -1.418  -9.578  1.00 56.60 ? 14 DG  B OP1   1 
ATOM   262 O OP2   . DG  B 1 4  ? 6.742   0.459   -9.344  1.00 51.35 ? 14 DG  B OP2   1 
ATOM   263 O "O5'" . DG  B 1 4  ? 6.405   -1.834  -8.357  1.00 54.27 ? 14 DG  B "O5'" 1 
ATOM   264 C "C5'" . DG  B 1 4  ? 6.769   -2.895  -7.469  1.00 46.28 ? 14 DG  B "C5'" 1 
ATOM   265 C "C4'" . DG  B 1 4  ? 5.726   -3.034  -6.384  1.00 48.38 ? 14 DG  B "C4'" 1 
ATOM   266 O "O4'" . DG  B 1 4  ? 5.858   -1.991  -5.394  1.00 39.70 ? 14 DG  B "O4'" 1 
ATOM   267 C "C3'" . DG  B 1 4  ? 4.290   -2.956  -6.885  1.00 49.63 ? 14 DG  B "C3'" 1 
ATOM   268 O "O3'" . DG  B 1 4  ? 3.522   -3.927  -6.164  1.00 54.90 ? 14 DG  B "O3'" 1 
ATOM   269 C "C2'" . DG  B 1 4  ? 3.847   -1.556  -6.496  1.00 45.56 ? 14 DG  B "C2'" 1 
ATOM   270 C "C1'" . DG  B 1 4  ? 4.616   -1.330  -5.214  1.00 42.24 ? 14 DG  B "C1'" 1 
ATOM   271 N N9    . DG  B 1 4  ? 4.897   0.069   -4.918  1.00 37.27 ? 14 DG  B N9    1 
ATOM   272 C C8    . DG  B 1 4  ? 5.086   1.089   -5.814  1.00 41.68 ? 14 DG  B C8    1 
ATOM   273 N N7    . DG  B 1 4  ? 5.359   2.230   -5.240  1.00 42.80 ? 14 DG  B N7    1 
ATOM   274 C C5    . DG  B 1 4  ? 5.341   1.942   -3.882  1.00 38.81 ? 14 DG  B C5    1 
ATOM   275 C C6    . DG  B 1 4  ? 5.559   2.779   -2.758  1.00 39.62 ? 14 DG  B C6    1 
ATOM   276 O O6    . DG  B 1 4  ? 5.821   3.986   -2.731  1.00 44.72 ? 14 DG  B O6    1 
ATOM   277 N N1    . DG  B 1 4  ? 5.448   2.077   -1.570  1.00 35.72 ? 14 DG  B N1    1 
ATOM   278 C C2    . DG  B 1 4  ? 5.157   0.748   -1.470  1.00 37.42 ? 14 DG  B C2    1 
ATOM   279 N N2    . DG  B 1 4  ? 5.099   0.257   -0.236  1.00 37.19 ? 14 DG  B N2    1 
ATOM   280 N N3    . DG  B 1 4  ? 4.943   -0.042  -2.501  1.00 39.84 ? 14 DG  B N3    1 
ATOM   281 C C4    . DG  B 1 4  ? 5.052   0.615   -3.670  1.00 41.66 ? 14 DG  B C4    1 
ATOM   282 P P     . DT  B 1 5  ? 2.183   -4.515  -6.811  1.00 55.24 ? 15 DT  B P     1 
ATOM   283 O OP1   . DT  B 1 5  ? 1.583   -5.493  -5.865  1.00 55.30 ? 15 DT  B OP1   1 
ATOM   284 O OP2   . DT  B 1 5  ? 2.481   -4.925  -8.208  1.00 58.91 ? 15 DT  B OP2   1 
ATOM   285 O "O5'" . DT  B 1 5  ? 1.239   -3.235  -6.875  1.00 58.00 ? 15 DT  B "O5'" 1 
ATOM   286 C "C5'" . DT  B 1 5  ? -0.054  -3.242  -6.251  1.00 55.53 ? 15 DT  B "C5'" 1 
ATOM   287 C "C4'" . DT  B 1 5  ? 0.074   -2.962  -4.770  1.00 52.72 ? 15 DT  B "C4'" 1 
ATOM   288 O "O4'" . DT  B 1 5  ? 0.884   -1.781  -4.563  1.00 53.82 ? 15 DT  B "O4'" 1 
ATOM   289 C "C3'" . DT  B 1 5  ? -1.294  -2.657  -4.162  1.00 50.80 ? 15 DT  B "C3'" 1 
ATOM   290 O "O3'" . DT  B 1 5  ? -1.656  -3.622  -3.172  1.00 45.21 ? 15 DT  B "O3'" 1 
ATOM   291 C "C2'" . DT  B 1 5  ? -1.167  -1.276  -3.543  1.00 51.64 ? 15 DT  B "C2'" 1 
ATOM   292 C "C1'" . DT  B 1 5  ? 0.313   -0.949  -3.570  1.00 49.72 ? 15 DT  B "C1'" 1 
ATOM   293 N N1    . DT  B 1 5  ? 0.610   0.449   -3.936  1.00 53.92 ? 15 DT  B N1    1 
ATOM   294 C C2    . DT  B 1 5  ? 1.589   1.065   -3.187  1.00 59.23 ? 15 DT  B C2    1 
ATOM   295 O O2    . DT  B 1 5  ? 1.992   0.586   -2.139  1.00 55.16 ? 15 DT  B O2    1 
ATOM   296 N N3    . DT  B 1 5  ? 2.081   2.257   -3.664  1.00 57.27 ? 15 DT  B N3    1 
ATOM   297 C C4    . DT  B 1 5  ? 1.756   2.939   -4.818  1.00 56.67 ? 15 DT  B C4    1 
ATOM   298 O O4    . DT  B 1 5  ? 2.340   3.982   -5.085  1.00 61.02 ? 15 DT  B O4    1 
ATOM   299 C C5    . DT  B 1 5  ? 0.689   2.325   -5.674  1.00 57.72 ? 15 DT  B C5    1 
ATOM   300 C C7    . DT  B 1 5  ? 1.273   2.063   -7.027  1.00 63.84 ? 15 DT  B C7    1 
ATOM   301 C C6    . DT  B 1 5  ? 0.077   1.010   -5.163  1.00 60.36 ? 15 DT  B C6    1 
ATOM   302 P P     . DA  B 1 6  ? -3.211  -3.823  -2.865  1.00 44.95 ? 16 DA  B P     1 
ATOM   303 O OP1   . DA  B 1 6  ? -3.392  -5.154  -2.236  1.00 48.44 ? 16 DA  B OP1   1 
ATOM   304 O OP2   . DA  B 1 6  ? -3.965  -3.492  -4.102  1.00 43.03 ? 16 DA  B OP2   1 
ATOM   305 O "O5'" . DA  B 1 6  ? -3.440  -2.694  -1.771  1.00 45.15 ? 16 DA  B "O5'" 1 
ATOM   306 C "C5'" . DA  B 1 6  ? -2.939  -2.932  -0.438  1.00 42.28 ? 16 DA  B "C5'" 1 
ATOM   307 C "C4'" . DA  B 1 6  ? -3.828  -2.266  0.591   1.00 41.88 ? 16 DA  B "C4'" 1 
ATOM   308 O "O4'" . DA  B 1 6  ? -3.810  -0.836  0.395   1.00 36.11 ? 16 DA  B "O4'" 1 
ATOM   309 C "C3'" . DA  B 1 6  ? -5.297  -2.688  0.534   1.00 42.03 ? 16 DA  B "C3'" 1 
ATOM   310 O "O3'" . DA  B 1 6  ? -5.835  -2.715  1.864   1.00 40.92 ? 16 DA  B "O3'" 1 
ATOM   311 C "C2'" . DA  B 1 6  ? -5.956  -1.570  -0.254  1.00 36.51 ? 16 DA  B "C2'" 1 
ATOM   312 C "C1'" . DA  B 1 6  ? -5.107  -0.354  0.066   1.00 39.28 ? 16 DA  B "C1'" 1 
ATOM   313 N N9    . DA  B 1 6  ? -4.962  0.580   -1.048  1.00 40.89 ? 16 DA  B N9    1 
ATOM   314 C C8    . DA  B 1 6  ? -5.179  0.331   -2.381  1.00 42.50 ? 16 DA  B C8    1 
ATOM   315 N N7    . DA  B 1 6  ? -4.965  1.366   -3.155  1.00 47.09 ? 16 DA  B N7    1 
ATOM   316 C C5    . DA  B 1 6  ? -4.583  2.369   -2.273  1.00 48.68 ? 16 DA  B C5    1 
ATOM   317 C C6    . DA  B 1 6  ? -4.219  3.722   -2.469  1.00 42.79 ? 16 DA  B C6    1 
ATOM   318 N N6    . DA  B 1 6  ? -4.195  4.315   -3.671  1.00 44.79 ? 16 DA  B N6    1 
ATOM   319 N N1    . DA  B 1 6  ? -3.884  4.451   -1.376  1.00 44.07 ? 16 DA  B N1    1 
ATOM   320 C C2    . DA  B 1 6  ? -3.922  3.857   -0.174  1.00 41.99 ? 16 DA  B C2    1 
ATOM   321 N N3    . DA  B 1 6  ? -4.253  2.596   0.136   1.00 44.24 ? 16 DA  B N3    1 
ATOM   322 C C4    . DA  B 1 6  ? -4.574  1.897   -0.971  1.00 45.19 ? 16 DA  B C4    1 
ATOM   323 P P     . DC  B 1 7  ? -5.560  -3.975  2.821   1.00 37.62 ? 17 DC  B P     1 
ATOM   324 O OP1   . DC  B 1 7  ? -5.242  -3.464  4.171   1.00 33.46 ? 17 DC  B OP1   1 
ATOM   325 O OP2   . DC  B 1 7  ? -4.605  -4.872  2.141   1.00 38.33 ? 17 DC  B OP2   1 
ATOM   326 O "O5'" . DC  B 1 7  ? -6.973  -4.689  2.919   1.00 35.64 ? 17 DC  B "O5'" 1 
ATOM   327 C "C5'" . DC  B 1 7  ? -8.201  -3.951  2.769   1.00 34.49 ? 17 DC  B "C5'" 1 
ATOM   328 C "C4'" . DC  B 1 7  ? -9.329  -4.910  2.458   1.00 34.36 ? 17 DC  B "C4'" 1 
ATOM   329 O "O4'" . DC  B 1 7  ? -9.218  -5.352  1.085   1.00 38.99 ? 17 DC  B "O4'" 1 
ATOM   330 C "C3'" . DC  B 1 7  ? -9.248  -6.176  3.317   1.00 38.09 ? 17 DC  B "C3'" 1 
ATOM   331 O "O3'" . DC  B 1 7  ? -10.575 -6.676  3.540   1.00 42.74 ? 17 DC  B "O3'" 1 
ATOM   332 C "C2'" . DC  B 1 7  ? -8.475  -7.139  2.435   1.00 40.17 ? 17 DC  B "C2'" 1 
ATOM   333 C "C1'" . DC  B 1 7  ? -8.931  -6.751  1.038   1.00 39.28 ? 17 DC  B "C1'" 1 
ATOM   334 N N1    . DC  B 1 7  ? -7.947  -6.989  -0.042  1.00 38.75 ? 17 DC  B N1    1 
ATOM   335 C C2    . DC  B 1 7  ? -7.756  -8.295  -0.505  1.00 36.18 ? 17 DC  B C2    1 
ATOM   336 O O2    . DC  B 1 7  ? -8.387  -9.206  0.014   1.00 38.36 ? 17 DC  B O2    1 
ATOM   337 N N3    . DC  B 1 7  ? -6.891  -8.528  -1.504  1.00 29.74 ? 17 DC  B N3    1 
ATOM   338 C C4    . DC  B 1 7  ? -6.211  -7.513  -2.042  1.00 35.30 ? 17 DC  B C4    1 
ATOM   339 N N4    . DC  B 1 7  ? -5.365  -7.785  -3.041  1.00 29.77 ? 17 DC  B N4    1 
ATOM   340 C C5    . DC  B 1 7  ? -6.368  -6.171  -1.581  1.00 36.14 ? 17 DC  B C5    1 
ATOM   341 C C6    . DC  B 1 7  ? -7.242  -5.956  -0.591  1.00 30.87 ? 17 DC  B C6    1 
ATOM   342 P P     . DC  B 1 8  ? -11.088 -6.943  5.040   1.00 44.49 ? 18 DC  B P     1 
ATOM   343 O OP1   . DC  B 1 8  ? -12.574 -7.098  4.978   1.00 40.35 ? 18 DC  B OP1   1 
ATOM   344 O OP2   . DC  B 1 8  ? -10.498 -5.892  5.916   1.00 42.88 ? 18 DC  B OP2   1 
ATOM   345 O "O5'" . DC  B 1 8  ? -10.407 -8.340  5.407   1.00 42.57 ? 18 DC  B "O5'" 1 
ATOM   346 C "C5'" . DC  B 1 8  ? -10.944 -9.581  4.907   1.00 40.14 ? 18 DC  B "C5'" 1 
ATOM   347 C "C4'" . DC  B 1 8  ? -10.006 -10.725 5.213   1.00 36.37 ? 18 DC  B "C4'" 1 
ATOM   348 O "O4'" . DC  B 1 8  ? -8.863  -10.671 4.338   1.00 36.82 ? 18 DC  B "O4'" 1 
ATOM   349 C "C3'" . DC  B 1 8  ? -9.444  -10.751 6.634   1.00 37.80 ? 18 DC  B "C3'" 1 
ATOM   350 O "O3'" . DC  B 1 8  ? -9.313  -12.123 7.031   1.00 39.87 ? 18 DC  B "O3'" 1 
ATOM   351 C "C2'" . DC  B 1 8  ? -8.062  -10.150 6.467   1.00 38.01 ? 18 DC  B "C2'" 1 
ATOM   352 C "C1'" . DC  B 1 8  ? -7.670  -10.676 5.102   1.00 31.29 ? 18 DC  B "C1'" 1 
ATOM   353 N N1    . DC  B 1 8  ? -6.687  -9.870  4.378   1.00 31.41 ? 18 DC  B N1    1 
ATOM   354 C C2    . DC  B 1 8  ? -6.155  -10.390 3.204   1.00 27.94 ? 18 DC  B C2    1 
ATOM   355 O O2    . DC  B 1 8  ? -6.470  -11.543 2.872   1.00 32.43 ? 18 DC  B O2    1 
ATOM   356 N N3    . DC  B 1 8  ? -5.318  -9.632  2.462   1.00 24.80 ? 18 DC  B N3    1 
ATOM   357 C C4    . DC  B 1 8  ? -5.011  -8.399  2.865   1.00 29.12 ? 18 DC  B C4    1 
ATOM   358 N N4    . DC  B 1 8  ? -4.236  -7.652  2.079   1.00 30.83 ? 18 DC  B N4    1 
ATOM   359 C C5    . DC  B 1 8  ? -5.502  -7.864  4.089   1.00 29.82 ? 18 DC  B C5    1 
ATOM   360 C C6    . DC  B 1 8  ? -6.324  -8.629  4.811   1.00 27.38 ? 18 DC  B C6    1 
ATOM   361 P P     . DG  B 1 9  ? -10.528 -12.842 7.793   1.00 45.58 ? 19 DG  B P     1 
ATOM   362 O OP1   . DG  B 1 9  ? -11.753 -12.555 7.004   1.00 45.61 ? 19 DG  B OP1   1 
ATOM   363 O OP2   . DG  B 1 9  ? -10.450 -12.401 9.204   1.00 44.18 ? 19 DG  B OP2   1 
ATOM   364 O "O5'" . DG  B 1 9  ? -10.182 -14.402 7.743   1.00 45.85 ? 19 DG  B "O5'" 1 
ATOM   365 C "C5'" . DG  B 1 9  ? -10.383 -15.191 6.556   1.00 41.77 ? 19 DG  B "C5'" 1 
ATOM   366 C "C4'" . DG  B 1 9  ? -9.222  -16.143 6.363   1.00 42.84 ? 19 DG  B "C4'" 1 
ATOM   367 O "O4'" . DG  B 1 9  ? -8.045  -15.439 5.905   1.00 44.06 ? 19 DG  B "O4'" 1 
ATOM   368 C "C3'" . DG  B 1 9  ? -8.779  -16.901 7.614   1.00 42.20 ? 19 DG  B "C3'" 1 
ATOM   369 O "O3'" . DG  B 1 9  ? -8.134  -18.107 7.171   1.00 44.84 ? 19 DG  B "O3'" 1 
ATOM   370 C "C2'" . DG  B 1 9  ? -7.696  -15.991 8.157   1.00 36.93 ? 19 DG  B "C2'" 1 
ATOM   371 C "C1'" . DG  B 1 9  ? -7.011  -15.570 6.870   1.00 37.15 ? 19 DG  B "C1'" 1 
ATOM   372 N N9    . DG  B 1 9  ? -6.299  -14.302 6.929   1.00 34.45 ? 19 DG  B N9    1 
ATOM   373 C C8    . DG  B 1 9  ? -6.401  -13.323 7.889   1.00 31.50 ? 19 DG  B C8    1 
ATOM   374 N N7    . DG  B 1 9  ? -5.634  -12.297 7.649   1.00 35.04 ? 19 DG  B N7    1 
ATOM   375 C C5    . DG  B 1 9  ? -4.985  -12.621 6.457   1.00 28.97 ? 19 DG  B C5    1 
ATOM   376 C C6    . DG  B 1 9  ? -4.021  -11.897 5.686   1.00 29.88 ? 19 DG  B C6    1 
ATOM   377 O O6    . DG  B 1 9  ? -3.519  -10.784 5.906   1.00 32.17 ? 19 DG  B O6    1 
ATOM   378 N N1    . DG  B 1 9  ? -3.641  -12.602 4.555   1.00 32.92 ? 19 DG  B N1    1 
ATOM   379 C C2    . DG  B 1 9  ? -4.108  -13.835 4.199   1.00 28.51 ? 19 DG  B C2    1 
ATOM   380 N N2    . DG  B 1 9  ? -3.606  -14.348 3.055   1.00 25.21 ? 19 DG  B N2    1 
ATOM   381 N N3    . DG  B 1 9  ? -4.997  -14.517 4.900   1.00 28.83 ? 19 DG  B N3    1 
ATOM   382 C C4    . DG  B 1 9  ? -5.388  -13.854 6.006   1.00 33.17 ? 19 DG  B C4    1 
ATOM   383 P P     . DG  B 1 10 ? -8.789  -19.543 7.476   1.00 48.98 ? 20 DG  B P     1 
ATOM   384 O OP1   . DG  B 1 10 ? -10.036 -19.671 6.687   1.00 43.57 ? 20 DG  B OP1   1 
ATOM   385 O OP2   . DG  B 1 10 ? -8.824  -19.733 8.949   1.00 46.51 ? 20 DG  B OP2   1 
ATOM   386 O "O5'" . DG  B 1 10 ? -7.717  -20.549 6.867   1.00 45.44 ? 20 DG  B "O5'" 1 
ATOM   387 C "C5'" . DG  B 1 10 ? -7.538  -20.658 5.439   1.00 44.85 ? 20 DG  B "C5'" 1 
ATOM   388 C "C4'" . DG  B 1 10 ? -6.077  -20.851 5.099   1.00 45.97 ? 20 DG  B "C4'" 1 
ATOM   389 O "O4'" . DG  B 1 10 ? -5.336  -19.645 5.388   1.00 43.83 ? 20 DG  B "O4'" 1 
ATOM   390 C "C3'" . DG  B 1 10 ? -5.368  -21.966 5.858   1.00 45.13 ? 20 DG  B "C3'" 1 
ATOM   391 O "O3'" . DG  B 1 10 ? -4.359  -22.447 4.956   1.00 49.13 ? 20 DG  B "O3'" 1 
ATOM   392 C "C2'" . DG  B 1 10 ? -4.727  -21.221 7.016   1.00 43.95 ? 20 DG  B "C2'" 1 
ATOM   393 C "C1'" . DG  B 1 10 ? -4.334  -19.908 6.365   1.00 43.32 ? 20 DG  B "C1'" 1 
ATOM   394 N N9    . DG  B 1 10 ? -4.268  -18.747 7.250   1.00 46.05 ? 20 DG  B N9    1 
ATOM   395 C C8    . DG  B 1 10 ? -5.004  -18.514 8.384   1.00 40.03 ? 20 DG  B C8    1 
ATOM   396 N N7    . DG  B 1 10 ? -4.770  -17.341 8.910   1.00 41.01 ? 20 DG  B N7    1 
ATOM   397 C C5    . DG  B 1 10 ? -3.808  -16.776 8.085   1.00 39.91 ? 20 DG  B C5    1 
ATOM   398 C C6    . DG  B 1 10 ? -3.159  -15.524 8.154   1.00 37.30 ? 20 DG  B C6    1 
ATOM   399 O O6    . DG  B 1 10 ? -3.307  -14.631 8.980   1.00 44.37 ? 20 DG  B O6    1 
ATOM   400 N N1    . DG  B 1 10 ? -2.255  -15.356 7.117   1.00 37.70 ? 20 DG  B N1    1 
ATOM   401 C C2    . DG  B 1 10 ? -2.005  -16.275 6.137   1.00 39.47 ? 20 DG  B C2    1 
ATOM   402 N N2    . DG  B 1 10 ? -1.119  -15.926 5.205   1.00 35.62 ? 20 DG  B N2    1 
ATOM   403 N N3    . DG  B 1 10 ? -2.588  -17.451 6.067   1.00 40.36 ? 20 DG  B N3    1 
ATOM   404 C C4    . DG  B 1 10 ? -3.477  -17.634 7.064   1.00 43.33 ? 20 DG  B C4    1 
HETATM 405 O O1    . PSO C 2 .  ? -0.485  5.709   -0.759  1.00 47.19 ? 21 PSO B O1    1 
HETATM 406 C C2    . PSO C 2 .  ? -0.122  6.907   -0.568  1.00 53.57 ? 21 PSO B C2    1 
HETATM 407 C C3    . PSO C 2 .  ? 0.246   7.889   -1.693  1.00 54.85 ? 21 PSO B C3    1 
HETATM 408 C C4    . PSO C 2 .  ? 0.086   7.349   -3.071  1.00 51.79 ? 21 PSO B C4    1 
HETATM 409 C C5    . PSO C 2 .  ? -0.308  5.314   -4.347  1.00 54.70 ? 21 PSO B C5    1 
HETATM 410 C C6    . PSO C 2 .  ? -0.738  4.009   -4.435  1.00 57.40 ? 21 PSO B C6    1 
HETATM 411 C C7    . PSO C 2 .  ? -1.144  3.326   -3.318  1.00 52.83 ? 21 PSO B C7    1 
HETATM 412 C C8    . PSO C 2 .  ? -0.953  3.895   -2.061  1.00 49.46 ? 21 PSO B C8    1 
HETATM 413 C C9    . PSO C 2 .  ? -0.531  5.235   -1.938  1.00 46.07 ? 21 PSO B C9    1 
HETATM 414 C C10   . PSO C 2 .  ? -0.229  5.941   -3.096  1.00 54.49 ? 21 PSO B C10   1 
HETATM 415 C "C4'" . PSO C 2 .  ? -0.685  3.044   -5.612  1.00 50.15 ? 21 PSO B "C4'" 1 
HETATM 416 C "C5'" . PSO C 2 .  ? -1.274  1.776   -4.962  1.00 52.47 ? 21 PSO B "C5'" 1 
HETATM 417 O "O6'" . PSO C 2 .  ? -1.576  2.058   -3.580  1.00 49.82 ? 21 PSO B "O6'" 1 
HETATM 418 O O11   . PSO C 2 .  ? -0.072  7.294   0.587   1.00 50.00 ? 21 PSO B O11   1 
HETATM 419 C C12   . PSO C 2 .  ? 1.301   7.644   -3.893  1.00 51.57 ? 21 PSO B C12   1 
HETATM 420 C C13   . PSO C 2 .  ? -1.407  3.592   -6.878  1.00 52.94 ? 21 PSO B C13   1 
HETATM 421 O O14   . PSO C 2 .  ? -2.323  4.644   -6.661  1.00 55.17 ? 21 PSO B O14   1 
HETATM 422 C C15   . PSO C 2 .  ? -2.443  1.333   -5.789  1.00 50.77 ? 21 PSO B C15   1 
HETATM 423 C C16   . PSO C 2 .  ? -1.148  3.025   -0.860  1.00 52.42 ? 21 PSO B C16   1 
HETATM 424 O O     . HOH D 3 .  ? -13.831 12.471  -3.657  1.00 34.53 ? 22 HOH A O     1 
HETATM 425 O O     . HOH D 3 .  ? -17.717 10.843  -3.627  1.00 50.70 ? 23 HOH A O     1 
HETATM 426 O O     . HOH D 3 .  ? -8.019  9.025   3.578   1.00 39.54 ? 24 HOH A O     1 
HETATM 427 O O     . HOH D 3 .  ? 5.585   -1.668  3.195   1.00 61.59 ? 27 HOH A O     1 
HETATM 428 O O     . HOH D 3 .  ? 7.212   -4.166  0.325   1.00 54.55 ? 28 HOH A O     1 
HETATM 429 O O     . HOH D 3 .  ? -16.039 2.327   -6.480  1.00 80.12 ? 29 HOH A O     1 
HETATM 430 O O     . HOH D 3 .  ? 15.384  -6.646  7.056   1.00 0.26  ? 30 HOH A O     1 
HETATM 431 O O     . HOH D 3 .  ? 12.922  0.745   7.077   1.00 70.22 ? 31 HOH A O     1 
HETATM 432 O O     . HOH D 3 .  ? -15.579 9.824   -10.900 1.00 49.08 ? 33 HOH A O     1 
HETATM 433 O O     . HOH D 3 .  ? 10.430  -4.844  0.519   1.00 61.33 ? 34 HOH A O     1 
HETATM 434 O O     . HOH D 3 .  ? -2.435  14.558  -4.446  1.00 53.92 ? 38 HOH A O     1 
HETATM 435 O O     . HOH D 3 .  ? -7.114  5.782   -7.118  1.00 59.50 ? 40 HOH A O     1 
HETATM 436 O O     . HOH D 3 .  ? -9.009  3.941   -6.309  1.00 71.93 ? 41 HOH A O     1 
HETATM 437 O O     . HOH D 3 .  ? -10.868 12.908  -2.973  1.00 54.31 ? 42 HOH A O     1 
HETATM 438 O O     . HOH D 3 .  ? 6.543   8.499   -0.643  1.00 64.52 ? 46 HOH A O     1 
HETATM 439 O O     . HOH D 3 .  ? 13.545  -4.601  -2.993  1.00 77.34 ? 47 HOH A O     1 
HETATM 440 O O     . HOH D 3 .  ? 9.314   -3.643  -2.435  1.00 43.90 ? 48 HOH A O     1 
HETATM 441 O O     . HOH D 3 .  ? -9.241  6.627   -9.373  1.00 63.05 ? 51 HOH A O     1 
HETATM 442 O O     . HOH D 3 .  ? -8.555  4.275   -13.978 1.00 47.45 ? 52 HOH A O     1 
HETATM 443 O O     . HOH D 3 .  ? -17.534 3.938   4.074   1.00 74.29 ? 53 HOH A O     1 
HETATM 444 O O     . HOH D 3 .  ? -18.854 2.324   -1.015  1.00 64.29 ? 54 HOH A O     1 
HETATM 445 O O     . HOH D 3 .  ? -5.584  7.763   -8.146  1.00 67.18 ? 61 HOH A O     1 
HETATM 446 O O     . HOH D 3 .  ? 6.893   10.715  -2.684  0.50 29.99 ? 62 HOH A O     1 
HETATM 447 O O     . HOH D 3 .  ? 10.029  1.475   8.155   1.00 37.08 ? 63 HOH A O     1 
HETATM 448 O O     . HOH D 3 .  ? 12.405  -1.815  8.576   1.00 36.58 ? 64 HOH A O     1 
HETATM 449 O O     . HOH E 3 .  ? 9.585   7.267   0.142   1.00 51.77 ? 25 HOH B O     1 
HETATM 450 O O     . HOH E 3 .  ? 4.138   -3.297  -1.499  1.00 81.71 ? 26 HOH B O     1 
HETATM 451 O O     . HOH E 3 .  ? 15.890  -2.653  9.695   1.00 84.02 ? 32 HOH B O     1 
HETATM 452 O O     . HOH E 3 .  ? 11.378  -0.785  -4.189  1.00 54.16 ? 35 HOH B O     1 
HETATM 453 O O     . HOH E 3 .  ? 14.124  -0.716  -3.908  1.00 71.12 ? 36 HOH B O     1 
HETATM 454 O O     . HOH E 3 .  ? 16.240  3.823   5.565   1.00 45.68 ? 37 HOH B O     1 
HETATM 455 O O     . HOH E 3 .  ? -2.264  -6.881  -1.200  1.00 46.52 ? 39 HOH B O     1 
HETATM 456 O O     . HOH E 3 .  ? -2.002  -18.050 2.756   1.00 50.65 ? 43 HOH B O     1 
HETATM 457 O O     . HOH E 3 .  ? -5.075  -16.653 1.219   1.00 57.37 ? 44 HOH B O     1 
HETATM 458 O O     . HOH E 3 .  ? -1.849  -5.272  2.264   1.00 54.56 ? 45 HOH B O     1 
HETATM 459 O O     . HOH E 3 .  ? 9.212   -4.830  -6.653  1.00 45.47 ? 49 HOH B O     1 
HETATM 460 O O     . HOH E 3 .  ? -0.333  -7.786  -6.460  1.00 43.67 ? 50 HOH B O     1 
HETATM 461 O O     . HOH E 3 .  ? -14.803 -4.332  -2.360  1.00 60.13 ? 55 HOH B O     1 
HETATM 462 O O     . HOH E 3 .  ? -12.607 -5.253  0.626   1.00 77.28 ? 56 HOH B O     1 
HETATM 463 O O     . HOH E 3 .  ? -8.015  -18.281 11.088  1.00 54.46 ? 57 HOH B O     1 
HETATM 464 O O     . HOH E 3 .  ? 0.549   -2.766  -0.380  1.00 51.27 ? 58 HOH B O     1 
HETATM 465 O O     . HOH E 3 .  ? -3.619  -1.782  -6.650  1.00 58.35 ? 59 HOH B O     1 
HETATM 466 O O     . HOH E 3 .  ? 3.433   -3.611  -11.218 1.00 77.14 ? 60 HOH B O     1 
# 
